data_6IZV
#
_entry.id   6IZV
#
loop_
_entity.id
_entity.type
_entity.pdbx_description
1 polymer 'Putative plasmid segregation protein ParM'
2 non-polymer "ADENOSINE-5'-DIPHOSPHATE"
3 non-polymer 'MAGNESIUM ION'
#
_entity_poly.entity_id   1
_entity_poly.type   'polypeptide(L)'
_entity_poly.pdbx_seq_one_letter_code
;MNKYTIAIDLGYGQIKGINQDNKRVIFPSIISSGKDRSLDTFFNSIDNIVDNIHVKILDEYFNEKEYFVGELAKRQPSNS
SFINRDNKINSEENKVLLATALGLLIPNDLPNDTKIHIVTGLPLEHFIKQKQALNDMLKDFEHTIKFVDHNFSRNIKFEE
SNITLFPQGAGAIFSKINNDISSLLIKETFIGLIDVGFKTTDIVVFRINKDKEPVFEQEMSATLDGLGMINIYNTMDKAF
TDNSRDGSKLNTEQLMLLCEEGKIFFKGDYIDLKKDLIKARKTLSTNIINKADGLWGSRKNSFNSIMIAGGGGKVLYNHL
KLIEPNMCQLIDNPEFANAIGYLEFGKQF
;
_entity_poly.pdbx_strand_id   0,1
#
loop_
_chem_comp.id
_chem_comp.type
_chem_comp.name
_chem_comp.formula
ADP non-polymer ADENOSINE-5'-DIPHOSPHATE 'C10 H15 N5 O10 P2'
MG non-polymer 'MAGNESIUM ION' 'Mg 2'
#
# COMPACT_ATOMS: atom_id res chain seq x y z
N MET A 1 -12.20 -42.51 4.27
CA MET A 1 -13.13 -41.82 5.15
C MET A 1 -13.99 -40.83 4.38
N ASN A 2 -14.68 -39.96 5.11
CA ASN A 2 -15.55 -38.98 4.48
C ASN A 2 -14.72 -37.91 3.79
N LYS A 3 -15.21 -37.44 2.65
CA LYS A 3 -14.50 -36.48 1.82
C LYS A 3 -15.15 -35.10 1.95
N TYR A 4 -14.31 -34.07 2.07
CA TYR A 4 -14.71 -32.74 2.46
C TYR A 4 -15.50 -32.06 1.33
N THR A 5 -16.12 -30.93 1.63
CA THR A 5 -16.94 -30.23 0.66
C THR A 5 -16.57 -28.74 0.63
N ILE A 6 -16.25 -28.23 -0.55
CA ILE A 6 -15.96 -26.82 -0.76
C ILE A 6 -16.70 -26.37 -2.00
N ALA A 7 -17.53 -25.34 -1.86
CA ALA A 7 -18.25 -24.77 -2.99
C ALA A 7 -17.58 -23.48 -3.42
N ILE A 8 -17.22 -23.39 -4.69
CA ILE A 8 -16.58 -22.19 -5.23
C ILE A 8 -17.36 -21.72 -6.45
N ASP A 9 -17.19 -20.44 -6.76
CA ASP A 9 -17.77 -19.83 -7.94
C ASP A 9 -16.65 -19.29 -8.82
N LEU A 10 -16.87 -19.30 -10.13
CA LEU A 10 -15.88 -18.79 -11.06
C LEU A 10 -16.34 -17.53 -11.77
N GLY A 11 -17.04 -16.64 -11.05
CA GLY A 11 -17.51 -15.40 -11.63
C GLY A 11 -16.40 -14.45 -11.98
N TYR A 12 -16.52 -13.80 -13.15
CA TYR A 12 -15.51 -12.85 -13.60
C TYR A 12 -15.44 -11.62 -12.72
N GLY A 13 -16.52 -11.25 -12.06
CA GLY A 13 -16.52 -10.12 -11.16
C GLY A 13 -15.71 -10.39 -9.91
N GLN A 14 -16.18 -11.32 -9.10
CA GLN A 14 -15.47 -11.64 -7.86
C GLN A 14 -15.72 -13.10 -7.50
N ILE A 15 -14.63 -13.80 -7.16
CA ILE A 15 -14.70 -15.21 -6.82
C ILE A 15 -15.39 -15.38 -5.48
N LYS A 16 -16.41 -16.24 -5.45
CA LYS A 16 -17.21 -16.46 -4.27
C LYS A 16 -17.05 -17.92 -3.85
N GLY A 17 -16.79 -18.15 -2.58
CA GLY A 17 -16.51 -19.49 -2.10
C GLY A 17 -17.08 -19.73 -0.73
N ILE A 18 -17.36 -21.00 -0.44
CA ILE A 18 -17.80 -21.43 0.89
C ILE A 18 -17.46 -22.90 1.04
N ASN A 19 -17.18 -23.32 2.27
CA ASN A 19 -16.77 -24.68 2.57
C ASN A 19 -17.90 -25.48 3.20
N GLN A 20 -17.56 -26.70 3.63
CA GLN A 20 -18.50 -27.53 4.36
C GLN A 20 -18.82 -26.94 5.73
N ASP A 21 -17.86 -26.22 6.31
CA ASP A 21 -18.02 -25.68 7.65
C ASP A 21 -18.50 -24.23 7.66
N ASN A 22 -19.09 -23.77 6.55
CA ASN A 22 -19.78 -22.48 6.42
C ASN A 22 -18.86 -21.28 6.64
N LYS A 23 -17.56 -21.46 6.44
CA LYS A 23 -16.63 -20.34 6.35
C LYS A 23 -16.55 -19.92 4.90
N ARG A 24 -16.79 -18.64 4.64
CA ARG A 24 -16.94 -18.17 3.26
C ARG A 24 -16.00 -17.02 2.97
N VAL A 25 -15.50 -16.98 1.73
CA VAL A 25 -14.57 -15.95 1.29
C VAL A 25 -15.13 -15.26 0.05
N ILE A 26 -14.68 -14.03 -0.15
CA ILE A 26 -15.08 -13.23 -1.31
C ILE A 26 -13.97 -12.24 -1.62
N PHE A 27 -13.56 -12.18 -2.89
CA PHE A 27 -12.48 -11.30 -3.31
C PHE A 27 -12.61 -11.08 -4.80
N PRO A 28 -12.22 -9.92 -5.31
CA PRO A 28 -12.33 -9.67 -6.75
C PRO A 28 -11.37 -10.50 -7.55
N SER A 29 -11.77 -10.80 -8.78
CA SER A 29 -11.08 -11.74 -9.66
C SER A 29 -9.94 -11.09 -10.40
N ILE A 30 -8.97 -10.55 -9.66
CA ILE A 30 -7.84 -9.83 -10.24
C ILE A 30 -6.57 -10.47 -9.74
N ILE A 31 -5.63 -10.76 -10.64
CA ILE A 31 -4.33 -11.24 -10.24
C ILE A 31 -3.27 -10.28 -10.75
N SER A 32 -2.09 -10.36 -10.15
CA SER A 32 -0.91 -9.65 -10.61
C SER A 32 0.32 -10.41 -10.17
N SER A 33 1.46 -10.05 -10.73
CA SER A 33 2.71 -10.70 -10.39
C SER A 33 3.13 -10.28 -8.97
N GLY A 34 3.27 -11.25 -8.09
CA GLY A 34 3.60 -10.96 -6.71
C GLY A 34 5.08 -10.65 -6.53
N LYS A 35 5.34 -9.72 -5.62
CA LYS A 35 6.71 -9.39 -5.24
C LYS A 35 6.82 -9.43 -3.73
N ASP A 36 8.06 -9.24 -3.26
CA ASP A 36 8.39 -9.53 -1.87
C ASP A 36 7.83 -8.47 -0.94
N ARG A 37 6.88 -8.84 -0.11
CA ARG A 37 6.29 -7.93 0.86
C ARG A 37 6.98 -8.14 2.20
N SER A 38 7.90 -7.27 2.52
CA SER A 38 8.52 -7.29 3.83
C SER A 38 8.47 -5.94 4.51
N LEU A 39 8.63 -4.85 3.77
CA LEU A 39 8.66 -3.53 4.37
C LEU A 39 7.29 -3.10 4.86
N ASP A 40 6.27 -3.31 4.03
CA ASP A 40 4.90 -2.98 4.41
C ASP A 40 4.36 -3.86 5.52
N THR A 41 4.98 -5.02 5.75
CA THR A 41 4.63 -5.85 6.89
C THR A 41 4.94 -5.13 8.20
N PHE A 42 6.02 -4.34 8.22
CA PHE A 42 6.40 -3.62 9.42
C PHE A 42 5.43 -2.49 9.75
N PHE A 43 4.88 -1.84 8.72
CA PHE A 43 3.99 -0.70 8.96
C PHE A 43 2.65 -1.13 9.52
N ASN A 44 1.92 -1.96 8.76
CA ASN A 44 0.58 -2.35 9.13
C ASN A 44 0.47 -3.86 9.07
N SER A 45 0.07 -4.47 10.17
CA SER A 45 -0.03 -5.92 10.23
C SER A 45 -1.19 -6.41 9.39
N ILE A 46 -1.00 -7.56 8.75
CA ILE A 46 -2.04 -8.19 7.95
C ILE A 46 -2.96 -8.90 8.94
N ASP A 47 -4.01 -8.20 9.33
CA ASP A 47 -4.99 -8.80 10.22
C ASP A 47 -5.93 -9.71 9.44
N ASN A 48 -6.47 -9.22 8.32
CA ASN A 48 -7.36 -9.99 7.47
C ASN A 48 -6.57 -10.47 6.27
N ILE A 49 -6.43 -11.79 6.15
CA ILE A 49 -5.66 -12.38 5.07
C ILE A 49 -6.36 -12.22 3.73
N VAL A 50 -7.68 -12.00 3.73
CA VAL A 50 -8.44 -11.83 2.49
C VAL A 50 -8.05 -10.53 1.80
N ASP A 51 -7.66 -9.52 2.57
CA ASP A 51 -7.29 -8.23 2.00
C ASP A 51 -5.91 -8.26 1.35
N ASN A 52 -5.03 -9.17 1.76
CA ASN A 52 -3.60 -9.06 1.47
C ASN A 52 -3.07 -10.39 0.94
N ILE A 53 -3.72 -10.93 -0.08
CA ILE A 53 -3.40 -12.29 -0.51
C ILE A 53 -2.16 -12.27 -1.39
N HIS A 54 -0.99 -12.35 -0.76
CA HIS A 54 0.25 -12.69 -1.46
C HIS A 54 0.41 -14.19 -1.39
N VAL A 55 0.80 -14.81 -2.50
CA VAL A 55 0.72 -16.26 -2.57
C VAL A 55 1.78 -16.80 -3.52
N LYS A 56 2.19 -18.04 -3.26
CA LYS A 56 3.08 -18.81 -4.11
C LYS A 56 2.39 -20.10 -4.50
N ILE A 57 2.43 -20.42 -5.79
CA ILE A 57 1.73 -21.60 -6.31
C ILE A 57 2.73 -22.45 -7.08
N LEU A 58 2.91 -23.70 -6.65
CA LEU A 58 3.77 -24.66 -7.31
C LEU A 58 3.03 -25.31 -8.48
N ASP A 59 3.67 -26.30 -9.09
CA ASP A 59 3.02 -27.17 -10.07
C ASP A 59 3.68 -28.55 -9.99
N GLU A 60 3.43 -29.37 -11.01
CA GLU A 60 4.01 -30.70 -11.03
C GLU A 60 5.51 -30.67 -11.31
N TYR A 61 6.00 -29.61 -11.93
CA TYR A 61 7.43 -29.41 -12.12
C TYR A 61 8.03 -28.51 -11.06
N PHE A 62 7.23 -28.13 -10.04
CA PHE A 62 7.64 -27.30 -8.90
C PHE A 62 8.17 -25.94 -9.35
N ASN A 63 7.58 -25.42 -10.43
CA ASN A 63 7.90 -24.10 -10.96
C ASN A 63 6.96 -23.10 -10.29
N GLU A 64 7.39 -22.55 -9.17
CA GLU A 64 6.57 -21.60 -8.44
C GLU A 64 6.64 -20.21 -9.08
N LYS A 65 5.54 -19.48 -8.95
CA LYS A 65 5.50 -18.07 -9.29
C LYS A 65 4.70 -17.36 -8.21
N GLU A 66 5.15 -16.17 -7.83
CA GLU A 66 4.41 -15.38 -6.86
C GLU A 66 3.24 -14.70 -7.52
N TYR A 67 2.21 -14.40 -6.73
CA TYR A 67 1.03 -13.76 -7.26
C TYR A 67 0.44 -12.83 -6.23
N PHE A 68 0.31 -11.55 -6.59
CA PHE A 68 -0.63 -10.68 -5.92
C PHE A 68 -2.00 -10.95 -6.53
N VAL A 69 -2.93 -11.41 -5.71
CA VAL A 69 -4.22 -11.90 -6.20
C VAL A 69 -5.33 -11.36 -5.30
N GLY A 70 -6.39 -10.88 -5.92
CA GLY A 70 -7.55 -10.43 -5.18
C GLY A 70 -7.46 -8.96 -4.86
N GLU A 71 -7.71 -8.62 -3.60
CA GLU A 71 -7.84 -7.22 -3.19
C GLU A 71 -6.52 -6.48 -3.33
N LEU A 72 -5.41 -7.15 -3.01
CA LEU A 72 -4.10 -6.54 -3.14
C LEU A 72 -3.74 -6.28 -4.60
N ALA A 73 -4.18 -7.16 -5.51
CA ALA A 73 -3.91 -6.97 -6.93
C ALA A 73 -4.66 -5.79 -7.50
N LYS A 74 -5.79 -5.42 -6.87
CA LYS A 74 -6.50 -4.22 -7.30
C LYS A 74 -5.70 -2.97 -6.97
N ARG A 75 -4.94 -3.00 -5.87
CA ARG A 75 -4.09 -1.86 -5.53
C ARG A 75 -2.85 -1.77 -6.42
N GLN A 76 -2.54 -2.81 -7.17
CA GLN A 76 -1.35 -2.80 -8.01
C GLN A 76 -1.65 -2.18 -9.36
N PRO A 77 -0.72 -1.41 -9.92
CA PRO A 77 -0.98 -0.72 -11.18
C PRO A 77 -0.65 -1.55 -12.41
N SER A 78 -0.15 -2.77 -12.22
CA SER A 78 0.23 -3.63 -13.33
C SER A 78 -0.55 -4.93 -13.37
N ASN A 79 -1.79 -4.93 -12.88
CA ASN A 79 -2.53 -6.16 -12.67
C ASN A 79 -3.15 -6.67 -13.97
N SER A 80 -3.93 -7.75 -13.82
CA SER A 80 -4.78 -8.23 -14.90
C SER A 80 -5.81 -7.17 -15.25
N SER A 81 -5.93 -6.89 -16.55
CA SER A 81 -6.64 -5.71 -17.02
C SER A 81 -8.15 -5.76 -16.76
N PHE A 82 -8.74 -6.95 -16.68
CA PHE A 82 -10.00 -7.24 -16.00
C PHE A 82 -11.23 -6.70 -16.72
N ILE A 83 -11.04 -5.85 -17.73
CA ILE A 83 -12.18 -5.33 -18.49
C ILE A 83 -12.18 -5.96 -19.88
N ASN A 84 -11.03 -6.48 -20.28
CA ASN A 84 -10.89 -7.34 -21.45
C ASN A 84 -10.21 -8.66 -21.08
N ARG A 85 -10.56 -9.20 -19.92
CA ARG A 85 -9.97 -10.43 -19.41
C ARG A 85 -10.39 -11.60 -20.30
N ASP A 86 -9.53 -12.63 -20.35
CA ASP A 86 -9.78 -13.83 -21.14
C ASP A 86 -11.03 -14.57 -20.68
N ASN A 87 -11.83 -15.03 -21.64
CA ASN A 87 -13.06 -15.74 -21.34
C ASN A 87 -12.84 -17.24 -21.24
N LYS A 88 -11.61 -17.70 -21.40
CA LYS A 88 -11.29 -19.12 -21.36
C LYS A 88 -11.35 -19.62 -19.93
N ILE A 89 -11.98 -20.78 -19.73
CA ILE A 89 -12.12 -21.32 -18.38
C ILE A 89 -10.84 -22.06 -17.99
N ASN A 90 -10.00 -22.37 -18.97
CA ASN A 90 -8.74 -23.07 -18.73
C ASN A 90 -7.55 -22.13 -18.70
N SER A 91 -7.77 -20.83 -18.51
CA SER A 91 -6.68 -19.87 -18.49
C SER A 91 -5.92 -19.96 -17.18
N GLU A 92 -4.64 -19.53 -17.23
CA GLU A 92 -3.81 -19.52 -16.03
C GLU A 92 -4.33 -18.56 -15.00
N GLU A 93 -4.97 -17.47 -15.44
CA GLU A 93 -5.63 -16.54 -14.54
C GLU A 93 -6.76 -17.23 -13.79
N ASN A 94 -7.51 -18.09 -14.48
CA ASN A 94 -8.50 -18.90 -13.80
C ASN A 94 -7.85 -20.00 -12.97
N LYS A 95 -6.66 -20.45 -13.36
CA LYS A 95 -5.97 -21.46 -12.56
C LYS A 95 -5.52 -20.91 -11.22
N VAL A 96 -5.00 -19.69 -11.22
CA VAL A 96 -4.52 -19.08 -9.99
C VAL A 96 -5.68 -18.73 -9.07
N LEU A 97 -6.75 -18.17 -9.64
CA LEU A 97 -7.92 -17.81 -8.84
C LEU A 97 -8.58 -19.04 -8.24
N LEU A 98 -8.58 -20.16 -8.97
CA LEU A 98 -9.17 -21.37 -8.43
C LEU A 98 -8.33 -21.94 -7.30
N ALA A 99 -7.00 -21.77 -7.39
CA ALA A 99 -6.12 -22.26 -6.33
C ALA A 99 -6.29 -21.42 -5.08
N THR A 100 -6.50 -20.11 -5.25
CA THR A 100 -6.59 -19.21 -4.10
C THR A 100 -7.87 -19.44 -3.31
N ALA A 101 -8.98 -19.66 -4.00
CA ALA A 101 -10.23 -19.95 -3.33
C ALA A 101 -10.18 -21.30 -2.62
N LEU A 102 -9.41 -22.26 -3.15
CA LEU A 102 -9.17 -23.48 -2.42
C LEU A 102 -8.20 -23.27 -1.26
N GLY A 103 -7.35 -22.24 -1.33
CA GLY A 103 -6.38 -22.03 -0.28
C GLY A 103 -7.00 -21.54 1.01
N LEU A 104 -8.01 -20.68 0.91
CA LEU A 104 -8.61 -20.07 2.08
C LEU A 104 -9.75 -20.90 2.66
N LEU A 105 -10.11 -22.01 2.02
CA LEU A 105 -11.28 -22.77 2.45
C LEU A 105 -10.95 -24.17 2.91
N ILE A 106 -9.68 -24.57 2.88
CA ILE A 106 -9.23 -25.82 3.49
C ILE A 106 -8.76 -25.48 4.90
N PRO A 107 -9.48 -25.90 5.95
CA PRO A 107 -9.05 -25.61 7.31
C PRO A 107 -7.81 -26.41 7.70
N ASN A 108 -7.26 -26.05 8.85
CA ASN A 108 -6.00 -26.62 9.28
C ASN A 108 -6.17 -28.07 9.73
N ASP A 109 -5.20 -28.91 9.34
CA ASP A 109 -5.02 -30.27 9.84
C ASP A 109 -6.19 -31.18 9.48
N LEU A 110 -6.67 -31.09 8.26
CA LEU A 110 -7.56 -32.11 7.76
C LEU A 110 -6.76 -33.37 7.43
N PRO A 111 -7.37 -34.56 7.51
CA PRO A 111 -6.65 -35.77 7.13
C PRO A 111 -6.39 -35.81 5.62
N ASN A 112 -5.18 -36.25 5.27
CA ASN A 112 -4.77 -36.23 3.87
C ASN A 112 -5.46 -37.33 3.07
N ASP A 113 -5.89 -38.40 3.75
CA ASP A 113 -6.67 -39.42 3.06
C ASP A 113 -8.07 -38.92 2.77
N THR A 114 -8.62 -38.06 3.64
CA THR A 114 -9.89 -37.42 3.36
C THR A 114 -9.72 -36.37 2.28
N LYS A 115 -10.33 -36.61 1.13
CA LYS A 115 -10.26 -35.68 0.02
C LYS A 115 -11.35 -34.62 0.16
N ILE A 116 -11.53 -33.85 -0.91
CA ILE A 116 -12.51 -32.78 -0.93
C ILE A 116 -13.36 -32.94 -2.17
N HIS A 117 -14.69 -32.91 -2.00
CA HIS A 117 -15.60 -32.78 -3.13
C HIS A 117 -15.79 -31.29 -3.40
N ILE A 118 -15.27 -30.82 -4.52
CA ILE A 118 -15.43 -29.42 -4.88
C ILE A 118 -16.55 -29.29 -5.90
N VAL A 119 -17.38 -28.27 -5.72
CA VAL A 119 -18.52 -28.03 -6.60
C VAL A 119 -18.32 -26.66 -7.23
N THR A 120 -18.32 -26.63 -8.55
CA THR A 120 -18.04 -25.43 -9.32
C THR A 120 -19.28 -25.07 -10.14
N GLY A 121 -19.11 -24.13 -11.06
CA GLY A 121 -20.22 -23.77 -11.92
C GLY A 121 -19.77 -23.29 -13.28
N LEU A 122 -20.70 -23.37 -14.23
CA LEU A 122 -20.56 -22.83 -15.56
C LEU A 122 -21.79 -21.98 -15.82
N PRO A 123 -21.72 -21.03 -16.77
CA PRO A 123 -22.95 -20.35 -17.20
C PRO A 123 -23.93 -21.33 -17.81
N LEU A 124 -25.22 -20.96 -17.71
CA LEU A 124 -26.31 -21.89 -18.00
C LEU A 124 -26.36 -22.24 -19.48
N GLU A 125 -25.99 -21.31 -20.34
CA GLU A 125 -25.87 -21.63 -21.75
C GLU A 125 -24.59 -22.41 -22.04
N HIS A 126 -23.57 -22.21 -21.22
CA HIS A 126 -22.28 -22.83 -21.48
C HIS A 126 -22.07 -24.11 -20.69
N PHE A 127 -23.09 -24.58 -19.98
CA PHE A 127 -22.91 -25.76 -19.14
C PHE A 127 -22.84 -27.03 -19.98
N ILE A 128 -23.38 -26.98 -21.19
CA ILE A 128 -23.29 -28.13 -22.10
C ILE A 128 -22.13 -27.97 -23.06
N LYS A 129 -21.98 -26.75 -23.61
CA LYS A 129 -20.96 -26.51 -24.63
C LYS A 129 -19.56 -26.52 -24.04
N GLN A 130 -19.38 -25.90 -22.88
CA GLN A 130 -18.09 -25.81 -22.21
C GLN A 130 -17.98 -26.75 -21.03
N LYS A 131 -18.57 -27.94 -21.13
CA LYS A 131 -18.57 -28.86 -20.01
C LYS A 131 -17.22 -29.53 -19.83
N GLN A 132 -16.71 -30.16 -20.89
CA GLN A 132 -15.51 -30.97 -20.79
C GLN A 132 -14.24 -30.17 -20.61
N ALA A 133 -14.28 -28.85 -20.77
CA ALA A 133 -13.11 -28.03 -20.54
C ALA A 133 -12.75 -28.00 -19.06
N LEU A 134 -13.68 -27.54 -18.21
CA LEU A 134 -13.43 -27.52 -16.78
C LEU A 134 -13.43 -28.94 -16.20
N ASN A 135 -14.16 -29.86 -16.85
CA ASN A 135 -14.17 -31.26 -16.42
C ASN A 135 -12.79 -31.89 -16.52
N ASP A 136 -12.05 -31.57 -17.58
CA ASP A 136 -10.70 -32.10 -17.76
C ASP A 136 -9.64 -31.26 -17.07
N MET A 137 -9.88 -29.95 -16.94
CA MET A 137 -8.91 -29.07 -16.29
C MET A 137 -8.78 -29.37 -14.81
N LEU A 138 -9.89 -29.66 -14.15
CA LEU A 138 -9.83 -30.03 -12.73
C LEU A 138 -9.23 -31.42 -12.55
N LYS A 139 -9.36 -32.27 -13.56
CA LYS A 139 -8.59 -33.51 -13.57
C LYS A 139 -7.11 -33.22 -13.78
N ASP A 140 -6.80 -32.23 -14.61
CA ASP A 140 -5.44 -31.79 -14.85
C ASP A 140 -4.87 -30.99 -13.68
N PHE A 141 -5.71 -30.56 -12.75
CA PHE A 141 -5.33 -29.65 -11.68
C PHE A 141 -4.44 -30.37 -10.67
N GLU A 142 -3.18 -29.94 -10.57
CA GLU A 142 -2.23 -30.56 -9.64
C GLU A 142 -1.22 -29.49 -9.27
N HIS A 143 -1.39 -28.89 -8.09
CA HIS A 143 -0.52 -27.84 -7.63
C HIS A 143 -0.27 -28.01 -6.13
N THR A 144 0.45 -27.05 -5.56
CA THR A 144 0.58 -26.93 -4.12
C THR A 144 0.76 -25.46 -3.80
N ILE A 145 -0.15 -24.91 -3.02
CA ILE A 145 -0.16 -23.48 -2.77
C ILE A 145 0.72 -23.16 -1.58
N LYS A 146 1.20 -21.92 -1.51
CA LYS A 146 1.97 -21.43 -0.37
C LYS A 146 1.55 -20.00 -0.07
N PHE A 147 1.07 -19.76 1.13
CA PHE A 147 0.71 -18.42 1.57
C PHE A 147 1.93 -17.74 2.19
N VAL A 148 2.44 -16.71 1.52
CA VAL A 148 3.47 -15.86 2.09
C VAL A 148 2.87 -15.10 3.26
N ASP A 149 3.72 -14.81 4.27
CA ASP A 149 3.48 -13.96 5.43
C ASP A 149 2.58 -14.62 6.46
N HIS A 150 2.09 -15.83 6.16
CA HIS A 150 1.27 -16.54 7.13
C HIS A 150 1.74 -17.97 7.33
N ASN A 151 2.54 -18.47 6.38
CA ASN A 151 3.31 -19.72 6.48
C ASN A 151 2.42 -20.94 6.71
N PHE A 152 1.43 -21.10 5.84
CA PHE A 152 0.70 -22.35 5.79
C PHE A 152 0.45 -22.71 4.34
N SER A 153 0.78 -23.94 3.99
CA SER A 153 0.68 -24.44 2.62
C SER A 153 -0.41 -25.50 2.55
N ARG A 154 -1.01 -25.62 1.36
CA ARG A 154 -2.03 -26.62 1.14
C ARG A 154 -1.72 -27.39 -0.14
N ASN A 155 -1.93 -28.70 -0.08
CA ASN A 155 -1.79 -29.55 -1.26
C ASN A 155 -3.13 -29.58 -2.00
N ILE A 156 -3.09 -29.35 -3.31
CA ILE A 156 -4.28 -29.22 -4.12
C ILE A 156 -4.15 -30.08 -5.37
N LYS A 157 -4.83 -31.22 -5.39
CA LYS A 157 -4.84 -32.13 -6.52
C LYS A 157 -6.12 -32.96 -6.43
N PHE A 158 -6.90 -32.97 -7.51
CA PHE A 158 -8.18 -33.65 -7.54
C PHE A 158 -8.22 -34.67 -8.66
N GLU A 159 -8.65 -35.88 -8.32
CA GLU A 159 -8.97 -36.91 -9.30
C GLU A 159 -10.37 -36.70 -9.82
N GLU A 160 -10.87 -37.67 -10.58
CA GLU A 160 -12.29 -37.69 -10.88
C GLU A 160 -13.06 -38.22 -9.67
N SER A 161 -14.39 -38.12 -9.75
CA SER A 161 -15.36 -38.45 -8.71
C SER A 161 -15.23 -37.58 -7.47
N ASN A 162 -14.45 -36.50 -7.55
CA ASN A 162 -14.47 -35.49 -6.51
C ASN A 162 -15.09 -34.20 -7.04
N ILE A 163 -14.79 -33.86 -8.27
CA ILE A 163 -15.33 -32.67 -8.92
C ILE A 163 -16.80 -32.89 -9.24
N THR A 164 -17.55 -31.80 -9.31
CA THR A 164 -18.99 -31.86 -9.51
C THR A 164 -19.45 -30.57 -10.17
N LEU A 165 -20.21 -30.70 -11.25
CA LEU A 165 -20.63 -29.57 -12.06
C LEU A 165 -22.13 -29.35 -11.93
N PHE A 166 -22.53 -28.14 -11.57
CA PHE A 166 -23.91 -27.71 -11.65
C PHE A 166 -23.95 -26.34 -12.28
N PRO A 167 -24.99 -26.01 -13.04
CA PRO A 167 -25.04 -24.72 -13.73
C PRO A 167 -25.21 -23.55 -12.77
N GLN A 168 -25.03 -22.34 -13.31
CA GLN A 168 -25.00 -21.14 -12.49
C GLN A 168 -26.42 -20.70 -12.17
N GLY A 169 -26.71 -20.50 -10.89
CA GLY A 169 -28.05 -20.23 -10.45
C GLY A 169 -28.96 -21.43 -10.37
N ALA A 170 -28.45 -22.63 -10.64
CA ALA A 170 -29.29 -23.81 -10.63
C ALA A 170 -29.67 -24.19 -9.20
N GLY A 171 -28.67 -24.53 -8.39
CA GLY A 171 -28.95 -24.98 -7.04
C GLY A 171 -29.33 -23.90 -6.07
N ALA A 172 -29.28 -22.63 -6.48
CA ALA A 172 -29.62 -21.53 -5.59
C ALA A 172 -31.09 -21.56 -5.21
N ILE A 173 -31.95 -21.96 -6.16
CA ILE A 173 -33.36 -22.13 -5.87
C ILE A 173 -33.82 -23.57 -6.04
N PHE A 174 -32.97 -24.46 -6.57
CA PHE A 174 -33.30 -25.87 -6.52
C PHE A 174 -33.19 -26.39 -5.10
N SER A 175 -32.02 -26.20 -4.48
CA SER A 175 -31.85 -26.26 -3.05
C SER A 175 -31.90 -24.83 -2.51
N LYS A 176 -31.62 -24.67 -1.21
CA LYS A 176 -31.49 -23.41 -0.45
C LYS A 176 -32.85 -22.74 -0.23
N ILE A 177 -33.88 -23.21 -0.92
CA ILE A 177 -35.24 -22.77 -0.68
C ILE A 177 -36.18 -23.97 -0.65
N ASN A 178 -35.66 -25.15 -1.00
CA ASN A 178 -36.46 -26.38 -1.13
C ASN A 178 -37.11 -26.76 0.19
N ASN A 179 -36.48 -26.41 1.31
CA ASN A 179 -37.11 -26.61 2.61
C ASN A 179 -38.10 -25.51 2.93
N ASP A 180 -37.92 -24.32 2.34
CA ASP A 180 -38.68 -23.13 2.69
C ASP A 180 -39.82 -22.83 1.73
N ILE A 181 -39.68 -23.15 0.44
CA ILE A 181 -40.67 -22.77 -0.56
C ILE A 181 -41.80 -23.80 -0.66
N SER A 182 -41.85 -24.76 0.26
CA SER A 182 -42.93 -25.75 0.29
C SER A 182 -44.28 -25.11 0.55
N SER A 183 -44.31 -24.03 1.32
CA SER A 183 -45.55 -23.29 1.50
C SER A 183 -45.86 -22.39 0.31
N LEU A 184 -44.86 -22.12 -0.53
CA LEU A 184 -45.04 -21.10 -1.55
C LEU A 184 -45.29 -21.72 -2.93
N LEU A 185 -44.63 -22.84 -3.24
CA LEU A 185 -44.95 -23.55 -4.48
C LEU A 185 -46.30 -24.23 -4.33
N ILE A 186 -47.14 -24.13 -5.35
CA ILE A 186 -48.43 -24.78 -5.23
C ILE A 186 -48.55 -25.90 -6.26
N LYS A 187 -48.77 -25.52 -7.52
CA LYS A 187 -48.97 -26.43 -8.64
C LYS A 187 -49.05 -25.64 -9.94
N GLU A 188 -48.35 -26.10 -10.98
CA GLU A 188 -48.28 -25.45 -12.29
C GLU A 188 -47.89 -23.98 -12.18
N THR A 189 -46.95 -23.69 -11.30
CA THR A 189 -46.47 -22.36 -11.07
C THR A 189 -45.04 -22.24 -11.60
N PHE A 190 -44.54 -21.01 -11.60
CA PHE A 190 -43.18 -20.74 -12.03
C PHE A 190 -42.48 -19.91 -10.98
N ILE A 191 -41.26 -20.33 -10.63
CA ILE A 191 -40.36 -19.54 -9.81
C ILE A 191 -39.25 -19.05 -10.71
N GLY A 192 -38.73 -17.86 -10.41
CA GLY A 192 -37.76 -17.25 -11.28
C GLY A 192 -36.56 -16.67 -10.55
N LEU A 193 -35.37 -16.99 -11.02
CA LEU A 193 -34.15 -16.44 -10.46
C LEU A 193 -33.44 -15.62 -11.52
N ILE A 194 -33.10 -14.38 -11.17
CA ILE A 194 -32.40 -13.47 -12.08
C ILE A 194 -31.09 -13.09 -11.41
N ASP A 195 -30.00 -13.69 -11.87
CA ASP A 195 -28.68 -13.43 -11.33
C ASP A 195 -28.04 -12.32 -12.16
N VAL A 196 -27.94 -11.13 -11.57
CA VAL A 196 -27.31 -9.98 -12.24
C VAL A 196 -25.82 -10.13 -11.97
N GLY A 197 -25.13 -10.83 -12.87
CA GLY A 197 -23.70 -11.03 -12.74
C GLY A 197 -22.92 -9.86 -13.30
N PHE A 198 -21.61 -10.04 -13.34
CA PHE A 198 -20.76 -8.98 -13.87
C PHE A 198 -20.83 -8.90 -15.38
N LYS A 199 -20.44 -9.97 -16.06
CA LYS A 199 -20.52 -9.96 -17.52
C LYS A 199 -21.87 -10.42 -18.02
N THR A 200 -22.36 -11.55 -17.51
CA THR A 200 -23.54 -12.20 -18.05
C THR A 200 -24.62 -12.29 -17.00
N THR A 201 -25.84 -11.95 -17.42
CA THR A 201 -27.02 -12.00 -16.56
C THR A 201 -27.70 -13.34 -16.77
N ASP A 202 -27.93 -14.06 -15.68
CA ASP A 202 -28.62 -15.35 -15.73
C ASP A 202 -30.10 -15.16 -15.51
N ILE A 203 -30.91 -15.79 -16.35
CA ILE A 203 -32.36 -15.90 -16.15
C ILE A 203 -32.68 -17.38 -16.17
N VAL A 204 -33.07 -17.91 -15.02
CA VAL A 204 -33.36 -19.34 -14.88
C VAL A 204 -34.72 -19.48 -14.19
N VAL A 205 -35.54 -20.41 -14.68
CA VAL A 205 -36.88 -20.63 -14.17
C VAL A 205 -37.03 -22.11 -13.80
N PHE A 206 -38.11 -22.40 -13.08
CA PHE A 206 -38.49 -23.77 -12.80
C PHE A 206 -40.00 -23.88 -12.80
N ARG A 207 -40.49 -25.01 -13.30
CA ARG A 207 -41.91 -25.34 -13.23
C ARG A 207 -42.16 -26.28 -12.07
N ILE A 208 -43.21 -25.99 -11.30
CA ILE A 208 -43.70 -26.88 -10.27
C ILE A 208 -44.71 -27.81 -10.94
N ASN A 209 -44.48 -29.11 -10.84
CA ASN A 209 -45.34 -30.08 -11.51
C ASN A 209 -46.61 -30.35 -10.70
N LYS A 210 -47.31 -31.41 -11.10
CA LYS A 210 -48.48 -31.85 -10.32
C LYS A 210 -48.04 -32.50 -9.02
N ASP A 211 -46.84 -33.09 -9.01
CA ASP A 211 -46.31 -33.76 -7.83
C ASP A 211 -45.55 -32.82 -6.91
N LYS A 212 -45.69 -31.50 -7.12
CA LYS A 212 -45.10 -30.44 -6.29
C LYS A 212 -43.57 -30.54 -6.24
N GLU A 213 -42.98 -30.89 -7.39
CA GLU A 213 -41.55 -30.98 -7.56
C GLU A 213 -41.11 -29.99 -8.63
N PRO A 214 -39.93 -29.40 -8.49
CA PRO A 214 -39.45 -28.47 -9.52
C PRO A 214 -38.96 -29.22 -10.75
N VAL A 215 -39.14 -28.59 -11.90
CA VAL A 215 -38.63 -29.12 -13.15
C VAL A 215 -38.26 -27.94 -14.04
N PHE A 216 -37.29 -28.15 -14.92
CA PHE A 216 -36.57 -27.08 -15.59
C PHE A 216 -37.16 -26.80 -16.96
N GLU A 217 -37.18 -25.52 -17.33
CA GLU A 217 -37.76 -25.06 -18.59
C GLU A 217 -36.67 -24.36 -19.40
N GLN A 218 -35.96 -25.13 -20.23
CA GLN A 218 -34.84 -24.58 -20.98
C GLN A 218 -35.27 -23.66 -22.11
N GLU A 219 -36.56 -23.63 -22.46
CA GLU A 219 -37.05 -22.68 -23.44
C GLU A 219 -37.69 -21.47 -22.79
N MET A 220 -37.71 -21.43 -21.45
CA MET A 220 -38.14 -20.27 -20.70
C MET A 220 -37.02 -19.65 -19.90
N SER A 221 -35.77 -20.00 -20.20
CA SER A 221 -34.64 -19.60 -19.37
C SER A 221 -33.37 -19.59 -20.20
N ALA A 222 -32.60 -18.51 -20.08
CA ALA A 222 -31.36 -18.37 -20.82
C ALA A 222 -30.42 -17.43 -20.08
N THR A 223 -29.17 -17.43 -20.51
CA THR A 223 -28.15 -16.53 -19.97
C THR A 223 -27.95 -15.37 -20.93
N LEU A 224 -28.16 -14.16 -20.43
CA LEU A 224 -27.98 -12.96 -21.23
C LEU A 224 -26.50 -12.67 -21.36
N ASP A 225 -25.90 -13.07 -22.47
CA ASP A 225 -24.51 -12.73 -22.71
C ASP A 225 -24.40 -11.27 -23.14
N GLY A 226 -23.42 -10.57 -22.60
CA GLY A 226 -23.22 -9.18 -22.92
C GLY A 226 -24.10 -8.20 -22.17
N LEU A 227 -24.99 -8.68 -21.31
CA LEU A 227 -25.82 -7.81 -20.48
C LEU A 227 -25.50 -8.10 -19.02
N GLY A 228 -25.14 -7.06 -18.29
CA GLY A 228 -24.75 -7.25 -16.90
C GLY A 228 -24.11 -6.00 -16.37
N MET A 229 -23.39 -6.17 -15.24
CA MET A 229 -22.84 -5.03 -14.53
C MET A 229 -21.70 -4.37 -15.30
N ILE A 230 -21.04 -5.11 -16.18
CA ILE A 230 -19.93 -4.60 -16.96
C ILE A 230 -20.36 -3.50 -17.93
N ASN A 231 -21.64 -3.47 -18.33
CA ASN A 231 -22.11 -2.39 -19.18
C ASN A 231 -22.20 -1.07 -18.45
N ILE A 232 -22.30 -1.09 -17.12
CA ILE A 232 -22.25 0.16 -16.36
C ILE A 232 -20.81 0.67 -16.31
N TYR A 233 -19.85 -0.20 -15.98
CA TYR A 233 -18.46 0.21 -15.86
C TYR A 233 -17.88 0.62 -17.21
N ASN A 234 -18.36 0.01 -18.29
CA ASN A 234 -17.90 0.42 -19.61
C ASN A 234 -18.50 1.76 -20.01
N THR A 235 -19.73 2.05 -19.58
CA THR A 235 -20.37 3.29 -19.97
C THR A 235 -19.83 4.46 -19.16
N MET A 236 -19.74 4.29 -17.84
CA MET A 236 -19.29 5.37 -16.96
C MET A 236 -17.81 5.69 -17.16
N ASP A 237 -17.05 4.75 -17.72
CA ASP A 237 -15.69 5.05 -18.16
C ASP A 237 -15.70 6.05 -19.31
N LYS A 238 -16.61 5.86 -20.26
CA LYS A 238 -16.77 6.84 -21.34
C LYS A 238 -17.38 8.14 -20.81
N ALA A 239 -18.21 8.05 -19.77
CA ALA A 239 -18.83 9.25 -19.22
C ALA A 239 -17.82 10.10 -18.46
N PHE A 240 -16.76 9.49 -17.93
CA PHE A 240 -15.76 10.25 -17.22
C PHE A 240 -14.85 11.02 -18.18
N THR A 241 -14.43 10.37 -19.27
CA THR A 241 -13.56 11.03 -20.23
C THR A 241 -14.29 12.15 -20.97
N ASP A 242 -15.59 11.97 -21.22
CA ASP A 242 -16.37 13.03 -21.84
C ASP A 242 -16.59 14.19 -20.88
N ASN A 243 -16.72 13.89 -19.59
CA ASN A 243 -16.84 14.97 -18.61
C ASN A 243 -15.49 15.62 -18.37
N SER A 244 -14.40 14.88 -18.58
CA SER A 244 -13.07 15.45 -18.35
C SER A 244 -12.69 16.42 -19.46
N ARG A 245 -12.93 16.03 -20.72
CA ARG A 245 -12.50 16.72 -21.93
C ARG A 245 -11.00 16.98 -21.90
N ASP A 246 -10.24 16.00 -21.45
CA ASP A 246 -8.79 16.08 -21.37
C ASP A 246 -8.11 14.87 -21.98
N GLY A 247 -8.82 13.75 -22.11
CA GLY A 247 -8.22 12.50 -22.46
C GLY A 247 -7.75 11.68 -21.27
N SER A 248 -7.88 12.21 -20.06
CA SER A 248 -7.55 11.46 -18.87
C SER A 248 -8.55 10.33 -18.67
N LYS A 249 -8.07 9.24 -18.08
CA LYS A 249 -8.86 8.03 -17.94
C LYS A 249 -8.55 7.40 -16.59
N LEU A 250 -9.60 6.94 -15.91
CA LEU A 250 -9.41 6.26 -14.64
C LEU A 250 -8.74 4.91 -14.85
N ASN A 251 -8.02 4.44 -13.84
CA ASN A 251 -7.46 3.11 -13.92
C ASN A 251 -8.47 2.09 -13.40
N THR A 252 -8.01 0.85 -13.21
CA THR A 252 -8.92 -0.21 -12.80
C THR A 252 -9.39 -0.05 -11.36
N GLU A 253 -8.63 0.63 -10.51
CA GLU A 253 -9.07 0.82 -9.14
C GLU A 253 -10.10 1.94 -9.06
N GLN A 254 -9.82 3.06 -9.72
CA GLN A 254 -10.74 4.20 -9.71
C GLN A 254 -12.06 3.88 -10.40
N LEU A 255 -12.02 3.03 -11.42
CA LEU A 255 -13.24 2.72 -12.15
C LEU A 255 -14.16 1.84 -11.33
N MET A 256 -13.61 0.82 -10.68
CA MET A 256 -14.42 -0.02 -9.79
C MET A 256 -14.79 0.72 -8.51
N LEU A 257 -14.05 1.76 -8.15
CA LEU A 257 -14.48 2.63 -7.06
C LEU A 257 -15.64 3.51 -7.47
N LEU A 258 -15.75 3.81 -8.77
CA LEU A 258 -16.70 4.81 -9.23
C LEU A 258 -18.13 4.34 -9.04
N CYS A 259 -18.51 3.22 -9.66
CA CYS A 259 -19.90 2.85 -9.71
C CYS A 259 -20.33 2.02 -8.49
N GLU A 260 -19.63 2.17 -7.37
CA GLU A 260 -20.22 1.92 -6.07
C GLU A 260 -20.73 3.21 -5.44
N GLU A 261 -20.16 4.35 -5.81
CA GLU A 261 -20.58 5.64 -5.29
C GLU A 261 -20.99 6.64 -6.36
N GLY A 262 -20.25 6.72 -7.46
CA GLY A 262 -20.50 7.72 -8.47
C GLY A 262 -19.70 8.98 -8.35
N LYS A 263 -18.89 9.12 -7.30
CA LYS A 263 -18.16 10.36 -7.02
C LYS A 263 -16.67 10.04 -6.80
N ILE A 264 -15.91 10.01 -7.87
CA ILE A 264 -14.47 9.79 -7.79
C ILE A 264 -13.80 11.09 -7.36
N PHE A 265 -12.73 10.97 -6.57
CA PHE A 265 -11.95 12.13 -6.13
C PHE A 265 -10.77 12.29 -7.08
N PHE A 266 -10.89 13.21 -8.02
CA PHE A 266 -9.99 13.30 -9.15
C PHE A 266 -9.34 14.67 -9.19
N LYS A 267 -8.01 14.70 -9.00
CA LYS A 267 -7.18 15.90 -9.03
C LYS A 267 -7.65 16.95 -8.03
N GLY A 268 -7.63 16.57 -6.76
CA GLY A 268 -7.99 17.48 -5.68
C GLY A 268 -9.46 17.85 -5.63
N ASP A 269 -10.32 17.10 -6.30
CA ASP A 269 -11.70 17.52 -6.46
C ASP A 269 -12.54 16.31 -6.80
N TYR A 270 -13.82 16.37 -6.43
CA TYR A 270 -14.76 15.34 -6.85
C TYR A 270 -15.27 15.65 -8.24
N ILE A 271 -15.06 14.73 -9.17
CA ILE A 271 -15.70 14.78 -10.47
C ILE A 271 -17.00 13.99 -10.35
N ASP A 272 -18.12 14.70 -10.37
CA ASP A 272 -19.41 14.11 -10.08
C ASP A 272 -20.03 13.55 -11.34
N LEU A 273 -20.48 12.30 -11.28
CA LEU A 273 -21.22 11.65 -12.36
C LEU A 273 -22.44 10.94 -11.80
N LYS A 274 -23.06 11.51 -10.77
CA LYS A 274 -24.17 10.86 -10.09
C LYS A 274 -25.40 10.78 -10.98
N LYS A 275 -25.53 11.72 -11.93
CA LYS A 275 -26.66 11.68 -12.85
C LYS A 275 -26.53 10.53 -13.84
N ASP A 276 -25.33 10.31 -14.38
CA ASP A 276 -25.15 9.22 -15.32
C ASP A 276 -25.13 7.85 -14.65
N LEU A 277 -24.91 7.79 -13.34
CA LEU A 277 -24.98 6.51 -12.65
C LEU A 277 -26.42 6.02 -12.55
N ILE A 278 -27.32 6.90 -12.09
CA ILE A 278 -28.74 6.53 -11.99
C ILE A 278 -29.34 6.31 -13.37
N LYS A 279 -28.85 7.04 -14.37
CA LYS A 279 -29.35 6.88 -15.72
C LYS A 279 -28.93 5.53 -16.32
N ALA A 280 -27.67 5.15 -16.12
CA ALA A 280 -27.20 3.91 -16.74
C ALA A 280 -27.72 2.68 -16.02
N ARG A 281 -28.02 2.78 -14.72
CA ARG A 281 -28.58 1.65 -13.99
C ARG A 281 -30.01 1.35 -14.43
N LYS A 282 -30.79 2.39 -14.76
CA LYS A 282 -32.09 2.15 -15.37
C LYS A 282 -31.94 1.63 -16.79
N THR A 283 -30.86 2.00 -17.48
CA THR A 283 -30.62 1.49 -18.82
C THR A 283 -30.30 0.00 -18.80
N LEU A 284 -29.53 -0.44 -17.79
CA LEU A 284 -29.31 -1.87 -17.63
C LEU A 284 -30.58 -2.56 -17.17
N SER A 285 -31.36 -1.92 -16.29
CA SER A 285 -32.58 -2.53 -15.79
C SER A 285 -33.62 -2.66 -16.90
N THR A 286 -33.64 -1.73 -17.85
CA THR A 286 -34.54 -1.84 -18.98
C THR A 286 -34.18 -3.02 -19.88
N ASN A 287 -32.89 -3.27 -20.05
CA ASN A 287 -32.43 -4.39 -20.85
C ASN A 287 -32.39 -5.70 -20.08
N ILE A 288 -32.98 -5.73 -18.88
CA ILE A 288 -33.31 -6.99 -18.24
C ILE A 288 -34.83 -7.18 -18.15
N ILE A 289 -35.60 -6.09 -18.10
CA ILE A 289 -37.05 -6.19 -18.27
C ILE A 289 -37.39 -6.75 -19.64
N ASN A 290 -36.85 -6.14 -20.70
CA ASN A 290 -37.27 -6.48 -22.04
C ASN A 290 -36.70 -7.81 -22.51
N LYS A 291 -35.61 -8.27 -21.92
CA LYS A 291 -35.11 -9.59 -22.26
C LYS A 291 -35.77 -10.70 -21.46
N ALA A 292 -36.30 -10.40 -20.28
CA ALA A 292 -37.10 -11.39 -19.56
C ALA A 292 -38.40 -11.67 -20.29
N ASP A 293 -39.04 -10.63 -20.81
CA ASP A 293 -40.27 -10.77 -21.57
C ASP A 293 -40.04 -11.35 -22.96
N GLY A 294 -38.80 -11.40 -23.43
CA GLY A 294 -38.52 -12.16 -24.64
C GLY A 294 -38.70 -13.65 -24.43
N LEU A 295 -38.30 -14.14 -23.26
CA LEU A 295 -38.52 -15.53 -22.90
C LEU A 295 -39.88 -15.77 -22.27
N TRP A 296 -40.52 -14.72 -21.77
CA TRP A 296 -41.76 -14.86 -21.01
C TRP A 296 -42.85 -14.10 -21.75
N GLY A 297 -43.81 -14.82 -22.32
CA GLY A 297 -44.88 -14.16 -23.02
C GLY A 297 -45.98 -13.84 -22.02
N SER A 298 -47.15 -14.46 -22.19
CA SER A 298 -48.15 -14.34 -21.15
C SER A 298 -47.90 -15.32 -20.00
N ARG A 299 -46.81 -16.08 -20.08
CA ARG A 299 -46.37 -16.93 -18.98
C ARG A 299 -45.97 -16.14 -17.75
N LYS A 300 -45.68 -14.84 -17.92
CA LYS A 300 -45.27 -13.96 -16.82
C LYS A 300 -46.31 -13.89 -15.72
N ASN A 301 -47.59 -14.03 -16.09
CA ASN A 301 -48.65 -13.98 -15.10
C ASN A 301 -48.63 -15.17 -14.15
N SER A 302 -48.07 -16.30 -14.58
CA SER A 302 -48.14 -17.54 -13.81
C SER A 302 -47.04 -17.68 -12.77
N PHE A 303 -46.23 -16.64 -12.57
CA PHE A 303 -45.21 -16.71 -11.54
C PHE A 303 -45.84 -16.57 -10.15
N ASN A 304 -45.05 -16.93 -9.13
CA ASN A 304 -45.43 -16.66 -7.75
C ASN A 304 -44.36 -15.95 -6.94
N SER A 305 -43.09 -16.09 -7.32
CA SER A 305 -42.00 -15.39 -6.64
C SER A 305 -40.81 -15.31 -7.59
N ILE A 306 -40.51 -14.11 -8.07
CA ILE A 306 -39.27 -13.87 -8.81
C ILE A 306 -38.19 -13.50 -7.82
N MET A 307 -37.23 -14.38 -7.63
CA MET A 307 -36.07 -14.06 -6.82
C MET A 307 -35.01 -13.44 -7.70
N ILE A 308 -34.21 -12.55 -7.13
CA ILE A 308 -33.04 -12.03 -7.82
C ILE A 308 -31.82 -12.23 -6.95
N ALA A 309 -30.67 -12.36 -7.59
CA ALA A 309 -29.43 -12.68 -6.89
C ALA A 309 -28.27 -12.10 -7.69
N GLY A 310 -27.06 -12.42 -7.25
CA GLY A 310 -25.88 -11.79 -7.77
C GLY A 310 -25.55 -10.50 -7.04
N GLY A 311 -24.32 -10.02 -7.27
CA GLY A 311 -23.94 -8.74 -6.71
C GLY A 311 -24.72 -7.58 -7.29
N GLY A 312 -25.01 -7.64 -8.59
CA GLY A 312 -25.71 -6.56 -9.23
C GLY A 312 -27.17 -6.46 -8.83
N GLY A 313 -27.75 -7.57 -8.36
CA GLY A 313 -29.13 -7.53 -7.92
C GLY A 313 -29.32 -6.72 -6.65
N LYS A 314 -28.29 -6.67 -5.80
CA LYS A 314 -28.36 -5.87 -4.58
C LYS A 314 -28.42 -4.38 -4.91
N VAL A 315 -27.68 -3.94 -5.92
CA VAL A 315 -27.66 -2.52 -6.26
C VAL A 315 -28.70 -2.16 -7.30
N LEU A 316 -29.48 -3.12 -7.79
CA LEU A 316 -30.51 -2.83 -8.76
C LEU A 316 -31.90 -3.24 -8.30
N TYR A 317 -32.04 -3.67 -7.04
CA TYR A 317 -33.28 -4.29 -6.54
C TYR A 317 -34.49 -3.37 -6.66
N ASN A 318 -34.27 -2.07 -6.51
CA ASN A 318 -35.39 -1.13 -6.65
C ASN A 318 -35.75 -0.92 -8.11
N HIS A 319 -34.75 -0.79 -8.98
CA HIS A 319 -35.03 -0.58 -10.39
C HIS A 319 -35.50 -1.85 -11.06
N LEU A 320 -34.94 -3.00 -10.67
CA LEU A 320 -35.32 -4.28 -11.25
C LEU A 320 -36.62 -4.82 -10.65
N LYS A 321 -37.18 -4.11 -9.68
CA LYS A 321 -38.44 -4.53 -9.05
C LYS A 321 -39.60 -4.48 -10.03
N LEU A 322 -39.53 -3.61 -11.04
CA LEU A 322 -40.66 -3.34 -11.92
C LEU A 322 -40.88 -4.42 -12.98
N ILE A 323 -40.14 -5.53 -12.94
CA ILE A 323 -40.52 -6.69 -13.74
C ILE A 323 -41.84 -7.26 -13.22
N GLU A 324 -41.91 -7.50 -11.92
CA GLU A 324 -43.18 -7.88 -11.32
C GLU A 324 -43.23 -7.28 -9.92
N PRO A 325 -43.81 -6.06 -9.78
CA PRO A 325 -43.81 -5.37 -8.48
C PRO A 325 -44.61 -6.07 -7.41
N ASN A 326 -44.02 -6.13 -6.20
CA ASN A 326 -44.57 -6.64 -4.95
C ASN A 326 -44.71 -8.17 -4.93
N MET A 327 -44.45 -8.82 -6.06
CA MET A 327 -44.23 -10.26 -6.06
C MET A 327 -42.76 -10.56 -5.86
N CYS A 328 -41.90 -9.83 -6.56
CA CYS A 328 -40.48 -10.15 -6.58
C CYS A 328 -39.81 -9.74 -5.28
N GLN A 329 -38.82 -10.53 -4.88
CA GLN A 329 -38.11 -10.32 -3.63
C GLN A 329 -36.61 -10.42 -3.89
N LEU A 330 -35.85 -10.33 -2.81
CA LEU A 330 -34.40 -10.46 -2.85
C LEU A 330 -33.99 -11.70 -2.08
N ILE A 331 -33.02 -12.43 -2.62
CA ILE A 331 -32.48 -13.58 -1.91
C ILE A 331 -31.66 -13.08 -0.72
N ASP A 332 -31.42 -13.99 0.24
CA ASP A 332 -30.88 -13.60 1.54
C ASP A 332 -29.45 -13.08 1.43
N ASN A 333 -28.56 -13.86 0.83
CA ASN A 333 -27.18 -13.43 0.61
C ASN A 333 -26.95 -13.31 -0.88
N PRO A 334 -27.00 -12.10 -1.43
CA PRO A 334 -27.06 -11.95 -2.90
C PRO A 334 -25.83 -12.42 -3.63
N GLU A 335 -24.65 -12.26 -3.03
CA GLU A 335 -23.45 -12.83 -3.64
C GLU A 335 -23.46 -14.35 -3.53
N PHE A 336 -23.70 -14.88 -2.33
CA PHE A 336 -23.47 -16.28 -2.04
C PHE A 336 -24.65 -17.18 -2.42
N ALA A 337 -25.51 -16.73 -3.33
CA ALA A 337 -26.60 -17.58 -3.80
C ALA A 337 -26.07 -18.76 -4.59
N ASN A 338 -25.11 -18.51 -5.48
CA ASN A 338 -24.48 -19.62 -6.20
C ASN A 338 -23.62 -20.46 -5.29
N ALA A 339 -23.04 -19.84 -4.25
CA ALA A 339 -22.16 -20.57 -3.35
C ALA A 339 -22.92 -21.56 -2.49
N ILE A 340 -23.92 -21.07 -1.75
CA ILE A 340 -24.72 -21.91 -0.87
C ILE A 340 -25.53 -22.91 -1.69
N GLY A 341 -25.99 -22.50 -2.87
CA GLY A 341 -26.68 -23.42 -3.75
C GLY A 341 -25.80 -24.54 -4.24
N TYR A 342 -24.53 -24.27 -4.48
CA TYR A 342 -23.60 -25.35 -4.79
C TYR A 342 -23.25 -26.19 -3.58
N LEU A 343 -23.41 -25.62 -2.39
CA LEU A 343 -23.04 -26.33 -1.16
C LEU A 343 -24.08 -27.39 -0.83
N GLU A 344 -25.34 -26.97 -0.66
CA GLU A 344 -26.38 -27.88 -0.20
C GLU A 344 -26.75 -28.89 -1.28
N PHE A 345 -26.90 -28.44 -2.51
CA PHE A 345 -27.19 -29.35 -3.62
C PHE A 345 -25.95 -30.13 -4.03
N GLY A 346 -24.77 -29.71 -3.58
CA GLY A 346 -23.61 -30.57 -3.63
C GLY A 346 -23.49 -31.56 -2.49
N LYS A 347 -24.26 -31.35 -1.41
CA LYS A 347 -24.33 -32.31 -0.33
C LYS A 347 -25.32 -33.44 -0.59
N GLN A 348 -25.91 -33.48 -1.79
CA GLN A 348 -26.73 -34.62 -2.18
C GLN A 348 -25.87 -35.87 -2.37
N PHE A 349 -24.59 -35.68 -2.67
CA PHE A 349 -23.71 -36.79 -3.00
C PHE A 349 -22.54 -36.88 -2.03
N MET B 1 11.07 2.74 36.91
CA MET B 1 10.22 3.90 36.65
C MET B 1 10.06 4.15 35.15
N ASN B 2 9.53 5.32 34.80
CA ASN B 2 9.33 5.65 33.39
C ASN B 2 10.67 5.93 32.71
N LYS B 3 10.76 5.51 31.46
CA LYS B 3 11.99 5.62 30.70
C LYS B 3 11.87 6.75 29.67
N TYR B 4 12.94 7.53 29.54
CA TYR B 4 12.94 8.80 28.84
C TYR B 4 12.85 8.57 27.32
N THR B 5 12.62 9.64 26.58
CA THR B 5 12.46 9.54 25.14
C THR B 5 13.31 10.58 24.43
N ILE B 6 14.16 10.13 23.51
CA ILE B 6 14.99 11.01 22.70
C ILE B 6 14.90 10.54 21.26
N ALA B 7 14.48 11.43 20.36
CA ALA B 7 14.43 11.11 18.94
C ALA B 7 15.61 11.74 18.22
N ILE B 8 16.37 10.91 17.50
CA ILE B 8 17.53 11.38 16.76
C ILE B 8 17.40 10.95 15.31
N ASP B 9 18.10 11.67 14.44
CA ASP B 9 18.20 11.34 13.03
C ASP B 9 19.64 11.08 12.67
N LEU B 10 19.87 10.19 11.71
CA LEU B 10 21.22 9.88 11.26
C LEU B 10 21.49 10.35 9.84
N GLY B 11 20.98 11.51 9.47
CA GLY B 11 21.17 12.06 8.14
C GLY B 11 22.61 12.46 7.89
N TYR B 12 23.11 12.14 6.69
CA TYR B 12 24.48 12.48 6.32
C TYR B 12 24.70 13.98 6.22
N GLY B 13 23.67 14.75 5.92
CA GLY B 13 23.79 16.18 5.86
C GLY B 13 24.01 16.80 7.22
N GLN B 14 23.00 16.69 8.09
CA GLN B 14 23.10 17.26 9.42
C GLN B 14 22.26 16.45 10.40
N ILE B 15 22.85 16.12 11.55
CA ILE B 15 22.17 15.32 12.55
C ILE B 15 21.08 16.15 13.21
N LYS B 16 19.88 15.59 13.25
CA LYS B 16 18.71 16.27 13.77
C LYS B 16 18.21 15.48 14.96
N GLY B 17 17.94 16.17 16.06
CA GLY B 17 17.56 15.48 17.29
C GLY B 17 16.53 16.27 18.07
N ILE B 18 15.74 15.56 18.86
CA ILE B 18 14.77 16.17 19.77
C ILE B 18 14.50 15.18 20.90
N ASN B 19 14.19 15.70 22.08
CA ASN B 19 13.99 14.88 23.27
C ASN B 19 12.50 14.78 23.60
N GLN B 20 12.23 14.17 24.75
CA GLN B 20 10.87 14.10 25.26
C GLN B 20 10.37 15.47 25.69
N ASP B 21 11.27 16.35 26.10
CA ASP B 21 10.91 17.67 26.59
C ASP B 21 11.00 18.75 25.54
N ASN B 22 11.00 18.37 24.26
CA ASN B 22 10.90 19.26 23.10
C ASN B 22 12.07 20.25 22.98
N LYS B 23 13.21 19.91 23.57
CA LYS B 23 14.45 20.61 23.31
C LYS B 23 15.14 19.94 22.14
N ARG B 24 15.47 20.70 21.11
CA ARG B 24 15.93 20.12 19.87
C ARG B 24 17.27 20.72 19.45
N VAL B 25 18.11 19.88 18.84
CA VAL B 25 19.44 20.28 18.40
C VAL B 25 19.59 19.98 16.91
N ILE B 26 20.49 20.71 16.27
CA ILE B 26 20.79 20.54 14.86
C ILE B 26 22.22 21.00 14.61
N PHE B 27 23.01 20.16 13.94
CA PHE B 27 24.41 20.46 13.66
C PHE B 27 24.85 19.61 12.48
N PRO B 28 25.77 20.10 11.66
CA PRO B 28 26.22 19.31 10.51
C PRO B 28 27.03 18.10 10.92
N SER B 29 26.95 17.07 10.09
CA SER B 29 27.49 15.75 10.39
C SER B 29 28.97 15.66 10.06
N ILE B 30 29.78 16.50 10.69
CA ILE B 30 31.22 16.58 10.43
C ILE B 30 31.94 16.40 11.76
N ILE B 31 32.94 15.52 11.76
CA ILE B 31 33.80 15.36 12.93
C ILE B 31 35.23 15.67 12.53
N SER B 32 36.05 15.97 13.55
CA SER B 32 37.47 16.12 13.39
C SER B 32 38.14 15.79 14.71
N SER B 33 39.46 15.61 14.67
CA SER B 33 40.22 15.31 15.88
C SER B 33 40.28 16.55 16.76
N GLY B 34 39.77 16.43 17.98
CA GLY B 34 39.73 17.57 18.86
C GLY B 34 41.07 17.84 19.52
N LYS B 35 41.35 19.13 19.71
CA LYS B 35 42.54 19.56 20.41
C LYS B 35 42.16 20.55 21.49
N ASP B 36 43.15 20.94 22.29
CA ASP B 36 42.89 21.66 23.53
C ASP B 36 42.50 23.10 23.26
N ARG B 37 41.25 23.43 23.57
CA ARG B 37 40.75 24.79 23.41
C ARG B 37 40.86 25.52 24.74
N SER B 38 41.87 26.32 24.88
CA SER B 38 41.99 27.16 26.06
C SER B 38 42.22 28.62 25.71
N LEU B 39 42.98 28.90 24.65
CA LEU B 39 43.30 30.28 24.30
C LEU B 39 42.09 30.99 23.72
N ASP B 40 41.38 30.33 22.81
CA ASP B 40 40.17 30.90 22.21
C ASP B 40 39.02 31.03 23.20
N THR B 41 39.09 30.31 24.32
CA THR B 41 38.12 30.50 25.40
C THR B 41 38.23 31.90 25.98
N PHE B 42 39.45 32.43 26.05
CA PHE B 42 39.66 33.76 26.61
C PHE B 42 39.12 34.86 25.71
N PHE B 43 39.19 34.67 24.40
CA PHE B 43 38.75 35.71 23.46
C PHE B 43 37.24 35.84 23.45
N ASN B 44 36.54 34.76 23.08
CA ASN B 44 35.11 34.79 22.90
C ASN B 44 34.49 33.64 23.68
N SER B 45 33.57 33.97 24.58
CA SER B 45 32.94 32.96 25.41
C SER B 45 32.01 32.08 24.59
N ILE B 46 31.99 30.80 24.93
CA ILE B 46 31.10 29.84 24.26
C ILE B 46 29.73 30.04 24.89
N ASP B 47 28.92 30.89 24.24
CA ASP B 47 27.55 31.09 24.71
C ASP B 47 26.66 29.94 24.28
N ASN B 48 26.72 29.58 22.99
CA ASN B 48 25.93 28.48 22.45
C ASN B 48 26.83 27.27 22.32
N ILE B 49 26.52 26.22 23.08
CA ILE B 49 27.33 25.01 23.07
C ILE B 49 27.21 24.25 21.75
N VAL B 50 26.12 24.48 21.00
CA VAL B 50 25.92 23.80 19.72
C VAL B 50 26.94 24.26 18.70
N ASP B 51 27.40 25.51 18.81
CA ASP B 51 28.37 26.04 17.87
C ASP B 51 29.77 25.50 18.10
N ASN B 52 30.09 25.08 19.32
CA ASN B 52 31.47 24.88 19.74
C ASN B 52 31.64 23.53 20.42
N ILE B 53 31.20 22.46 19.75
CA ILE B 53 31.13 21.17 20.41
C ILE B 53 32.50 20.52 20.41
N HIS B 54 33.30 20.83 21.43
CA HIS B 54 34.49 20.05 21.75
C HIS B 54 34.08 18.98 22.75
N VAL B 55 34.55 17.76 22.56
CA VAL B 55 33.99 16.66 23.31
C VAL B 55 35.02 15.55 23.51
N LYS B 56 34.85 14.80 24.60
CA LYS B 56 35.63 13.62 24.91
C LYS B 56 34.69 12.44 25.06
N ILE B 57 35.02 11.33 24.41
CA ILE B 57 34.15 10.15 24.42
C ILE B 57 34.96 8.94 24.88
N LEU B 58 34.55 8.33 25.98
CA LEU B 58 35.17 7.12 26.51
C LEU B 58 34.66 5.89 25.76
N ASP B 59 35.05 4.72 26.24
CA ASP B 59 34.49 3.46 25.78
C ASP B 59 34.55 2.47 26.94
N GLU B 60 34.36 1.19 26.63
CA GLU B 60 34.41 0.16 27.67
C GLU B 60 35.81 -0.09 28.19
N TYR B 61 36.83 0.25 27.40
CA TYR B 61 38.21 0.19 27.83
C TYR B 61 38.72 1.55 28.29
N PHE B 62 37.84 2.56 28.37
CA PHE B 62 38.13 3.92 28.84
C PHE B 62 39.22 4.58 27.99
N ASN B 63 39.23 4.26 26.70
CA ASN B 63 40.16 4.85 25.74
C ASN B 63 39.47 6.08 25.16
N GLU B 64 39.70 7.23 25.78
CA GLU B 64 39.08 8.46 25.32
C GLU B 64 39.84 9.03 24.13
N LYS B 65 39.10 9.71 23.27
CA LYS B 65 39.67 10.52 22.20
C LYS B 65 38.88 11.81 22.12
N GLU B 66 39.58 12.91 21.90
CA GLU B 66 38.90 14.19 21.74
C GLU B 66 38.33 14.30 20.34
N TYR B 67 37.29 15.11 20.20
CA TYR B 67 36.64 15.28 18.91
C TYR B 67 36.13 16.70 18.77
N PHE B 68 36.59 17.38 17.73
CA PHE B 68 35.85 18.53 17.22
C PHE B 68 34.75 17.98 16.33
N VAL B 69 33.51 18.25 16.69
CA VAL B 69 32.36 17.63 16.05
C VAL B 69 31.30 18.68 15.80
N GLY B 70 30.74 18.68 14.60
CA GLY B 70 29.65 19.57 14.27
C GLY B 70 30.14 20.86 13.67
N GLU B 71 29.64 21.98 14.19
CA GLU B 71 29.90 23.28 13.59
C GLU B 71 31.36 23.67 13.69
N LEU B 72 32.00 23.33 14.82
CA LEU B 72 33.41 23.62 15.00
C LEU B 72 34.29 22.80 14.06
N ALA B 73 33.87 21.56 13.76
CA ALA B 73 34.64 20.72 12.84
C ALA B 73 34.58 21.24 11.42
N LYS B 74 33.52 21.98 11.08
CA LYS B 74 33.46 22.61 9.76
C LYS B 74 34.51 23.71 9.64
N ARG B 75 34.81 24.40 10.74
CA ARG B 75 35.85 25.42 10.71
C ARG B 75 37.25 24.83 10.66
N GLN B 76 37.41 23.54 10.93
CA GLN B 76 38.72 22.92 10.93
C GLN B 76 39.10 22.45 9.53
N PRO B 77 40.38 22.60 9.16
CA PRO B 77 40.80 22.25 7.80
C PRO B 77 41.18 20.79 7.63
N SER B 78 41.11 20.01 8.70
CA SER B 78 41.50 18.61 8.65
C SER B 78 40.36 17.66 9.00
N ASN B 79 39.12 18.07 8.74
CA ASN B 79 37.96 17.35 9.24
C ASN B 79 37.65 16.12 8.38
N SER B 80 36.54 15.47 8.73
CA SER B 80 35.97 14.43 7.89
C SER B 80 35.55 15.02 6.56
N SER B 81 35.95 14.35 5.47
CA SER B 81 35.90 14.94 4.14
C SER B 81 34.49 15.15 3.63
N PHE B 82 33.52 14.36 4.09
CA PHE B 82 32.08 14.67 4.10
C PHE B 82 31.43 14.65 2.72
N ILE B 83 32.22 14.57 1.66
CA ILE B 83 31.65 14.49 0.32
C ILE B 83 31.87 13.09 -0.24
N ASN B 84 32.83 12.37 0.34
CA ASN B 84 33.01 10.94 0.14
C ASN B 84 33.01 10.20 1.47
N ARG B 85 32.14 10.61 2.38
CA ARG B 85 32.06 10.01 3.71
C ARG B 85 31.56 8.58 3.61
N ASP B 86 31.95 7.76 4.58
CA ASP B 86 31.56 6.34 4.64
C ASP B 86 30.06 6.19 4.77
N ASN B 87 29.49 5.24 4.03
CA ASN B 87 28.06 4.98 4.05
C ASN B 87 27.68 3.94 5.09
N LYS B 88 28.66 3.43 5.83
CA LYS B 88 28.41 2.40 6.84
C LYS B 88 27.72 3.01 8.05
N ILE B 89 26.69 2.33 8.55
CA ILE B 89 25.95 2.86 9.69
C ILE B 89 26.67 2.51 10.99
N ASN B 90 27.62 1.58 10.92
CA ASN B 90 28.40 1.18 12.09
C ASN B 90 29.77 1.82 12.13
N SER B 91 29.98 2.90 11.39
CA SER B 91 31.28 3.56 11.37
C SER B 91 31.49 4.35 12.64
N GLU B 92 32.77 4.58 12.98
CA GLU B 92 33.13 5.35 14.16
C GLU B 92 32.69 6.78 14.03
N GLU B 93 32.67 7.31 12.80
CA GLU B 93 32.13 8.63 12.55
C GLU B 93 30.65 8.70 12.90
N ASN B 94 29.90 7.64 12.58
CA ASN B 94 28.52 7.56 13.03
C ASN B 94 28.44 7.29 14.53
N LYS B 95 29.44 6.63 15.11
CA LYS B 95 29.43 6.39 16.55
C LYS B 95 29.61 7.69 17.32
N VAL B 96 30.50 8.56 16.86
CA VAL B 96 30.74 9.81 17.56
C VAL B 96 29.57 10.76 17.41
N LEU B 97 29.00 10.83 16.20
CA LEU B 97 27.85 11.69 15.95
C LEU B 97 26.63 11.24 16.74
N LEU B 98 26.47 9.93 16.92
CA LEU B 98 25.34 9.43 17.71
C LEU B 98 25.53 9.75 19.17
N ALA B 99 26.78 9.73 19.65
CA ALA B 99 27.02 10.06 21.04
C ALA B 99 26.78 11.54 21.31
N THR B 100 27.11 12.39 20.34
CA THR B 100 27.00 13.83 20.53
C THR B 100 25.55 14.26 20.58
N ALA B 101 24.71 13.68 19.72
CA ALA B 101 23.29 13.99 19.74
C ALA B 101 22.63 13.48 21.02
N LEU B 102 23.13 12.39 21.58
CA LEU B 102 22.68 11.99 22.90
C LEU B 102 23.22 12.88 23.99
N GLY B 103 24.36 13.54 23.75
CA GLY B 103 24.96 14.35 24.79
C GLY B 103 24.18 15.62 25.06
N LEU B 104 23.63 16.23 24.01
CA LEU B 104 22.94 17.50 24.16
C LEU B 104 21.47 17.35 24.47
N LEU B 105 20.95 16.13 24.52
CA LEU B 105 19.52 15.92 24.69
C LEU B 105 19.16 15.18 25.97
N ILE B 106 20.15 14.81 26.78
CA ILE B 106 19.89 14.29 28.12
C ILE B 106 19.98 15.47 29.09
N PRO B 107 18.86 15.91 29.67
CA PRO B 107 18.91 17.02 30.62
C PRO B 107 19.58 16.64 31.91
N ASN B 108 19.84 17.66 32.73
CA ASN B 108 20.60 17.47 33.96
C ASN B 108 19.79 16.72 35.01
N ASP B 109 20.47 15.80 35.70
CA ASP B 109 19.97 15.13 36.91
C ASP B 109 18.73 14.28 36.64
N LEU B 110 18.75 13.53 35.55
CA LEU B 110 17.75 12.49 35.39
C LEU B 110 18.11 11.30 36.29
N PRO B 111 17.12 10.53 36.73
CA PRO B 111 17.44 9.34 37.53
C PRO B 111 18.14 8.28 36.69
N ASN B 112 19.15 7.66 37.28
CA ASN B 112 19.96 6.70 36.54
C ASN B 112 19.23 5.39 36.32
N ASP B 113 18.25 5.08 37.18
CA ASP B 113 17.41 3.90 36.95
C ASP B 113 16.45 4.15 35.79
N THR B 114 16.01 5.39 35.62
CA THR B 114 15.21 5.74 34.46
C THR B 114 16.08 5.77 33.21
N LYS B 115 15.81 4.84 32.30
CA LYS B 115 16.56 4.76 31.06
C LYS B 115 15.96 5.70 30.02
N ILE B 116 16.41 5.54 28.78
CA ILE B 116 15.94 6.36 27.68
C ILE B 116 15.52 5.44 26.54
N HIS B 117 14.32 5.64 26.01
CA HIS B 117 13.93 5.03 24.75
C HIS B 117 14.38 5.94 23.62
N ILE B 118 15.36 5.50 22.86
CA ILE B 118 15.84 6.28 21.72
C ILE B 118 15.22 5.74 20.45
N VAL B 119 14.81 6.65 19.58
CA VAL B 119 14.17 6.29 18.32
C VAL B 119 15.03 6.84 17.19
N THR B 120 15.47 5.97 16.30
CA THR B 120 16.39 6.31 15.22
C THR B 120 15.69 6.08 13.90
N GLY B 121 16.46 6.13 12.83
CA GLY B 121 15.90 5.88 11.52
C GLY B 121 16.90 5.27 10.55
N LEU B 122 16.36 4.63 9.54
CA LEU B 122 17.09 4.10 8.40
C LEU B 122 16.41 4.62 7.16
N PRO B 123 17.10 4.66 6.02
CA PRO B 123 16.42 4.93 4.75
C PRO B 123 15.39 3.85 4.44
N LEU B 124 14.36 4.26 3.68
CA LEU B 124 13.16 3.43 3.51
C LEU B 124 13.47 2.17 2.72
N GLU B 125 14.40 2.25 1.78
CA GLU B 125 14.84 1.05 1.09
C GLU B 125 15.77 0.22 1.96
N HIS B 126 16.48 0.87 2.87
CA HIS B 126 17.48 0.17 3.67
C HIS B 126 16.95 -0.24 5.04
N PHE B 127 15.66 -0.05 5.30
CA PHE B 127 15.13 -0.36 6.62
C PHE B 127 15.01 -1.86 6.84
N ILE B 128 14.94 -2.62 5.75
CA ILE B 128 14.89 -4.07 5.87
C ILE B 128 16.28 -4.67 5.68
N LYS B 129 17.01 -4.16 4.69
CA LYS B 129 18.31 -4.73 4.37
C LYS B 129 19.36 -4.41 5.43
N GLN B 130 19.37 -3.17 5.92
CA GLN B 130 20.33 -2.71 6.91
C GLN B 130 19.70 -2.61 8.29
N LYS B 131 18.80 -3.52 8.63
CA LYS B 131 18.11 -3.43 9.91
C LYS B 131 18.99 -3.87 11.07
N GLN B 132 19.56 -5.08 10.97
CA GLN B 132 20.29 -5.67 12.08
C GLN B 132 21.63 -5.03 12.35
N ALA B 133 22.12 -4.16 11.45
CA ALA B 133 23.37 -3.46 11.69
C ALA B 133 23.22 -2.45 12.82
N LEU B 134 22.30 -1.50 12.66
CA LEU B 134 22.06 -0.52 13.72
C LEU B 134 21.37 -1.16 14.92
N ASN B 135 20.62 -2.24 14.69
CA ASN B 135 19.97 -2.97 15.78
C ASN B 135 20.99 -3.58 16.73
N ASP B 136 22.09 -4.11 16.19
CA ASP B 136 23.13 -4.68 17.03
C ASP B 136 24.14 -3.65 17.51
N MET B 137 24.37 -2.59 16.72
CA MET B 137 25.34 -1.56 17.09
C MET B 137 24.86 -0.77 18.31
N LEU B 138 23.57 -0.48 18.39
CA LEU B 138 23.04 0.21 19.56
C LEU B 138 23.01 -0.71 20.78
N LYS B 139 22.92 -2.02 20.55
CA LYS B 139 23.15 -2.97 21.63
C LYS B 139 24.62 -2.97 22.02
N ASP B 140 25.50 -2.84 21.05
CA ASP B 140 26.95 -2.74 21.28
C ASP B 140 27.36 -1.39 21.86
N PHE B 141 26.47 -0.39 21.82
CA PHE B 141 26.79 0.98 22.19
C PHE B 141 26.99 1.09 23.70
N GLU B 142 28.21 1.40 24.11
CA GLU B 142 28.53 1.53 25.53
C GLU B 142 29.69 2.52 25.64
N HIS B 143 29.37 3.77 25.99
CA HIS B 143 30.37 4.81 26.11
C HIS B 143 30.05 5.69 27.30
N THR B 144 30.85 6.73 27.48
CA THR B 144 30.54 7.80 28.42
C THR B 144 31.12 9.08 27.86
N ILE B 145 30.27 10.06 27.62
CA ILE B 145 30.69 11.27 26.94
C ILE B 145 31.20 12.28 27.98
N LYS B 146 32.04 13.21 27.52
CA LYS B 146 32.52 14.30 28.36
C LYS B 146 32.58 15.57 27.53
N PHE B 147 31.85 16.59 27.96
CA PHE B 147 31.89 17.89 27.30
C PHE B 147 32.99 18.74 27.90
N VAL B 148 34.02 19.01 27.09
CA VAL B 148 35.06 19.97 27.47
C VAL B 148 34.42 21.35 27.52
N ASP B 149 34.94 22.20 28.43
CA ASP B 149 34.68 23.63 28.59
C ASP B 149 33.32 23.88 29.22
N HIS B 150 32.55 22.82 29.49
CA HIS B 150 31.27 23.01 30.15
C HIS B 150 31.12 22.07 31.33
N ASN B 151 31.94 21.02 31.38
CA ASN B 151 32.13 20.14 32.53
C ASN B 151 30.85 19.44 32.97
N PHE B 152 30.19 18.79 32.02
CA PHE B 152 29.11 17.87 32.35
C PHE B 152 29.24 16.64 31.49
N SER B 153 29.19 15.48 32.13
CA SER B 153 29.36 14.20 31.47
C SER B 153 28.06 13.43 31.51
N ARG B 154 27.87 12.56 30.52
CA ARG B 154 26.68 11.73 30.46
C ARG B 154 27.09 10.29 30.22
N ASN B 155 26.42 9.37 30.91
CA ASN B 155 26.60 7.95 30.69
C ASN B 155 25.66 7.48 29.59
N ILE B 156 26.19 6.76 28.62
CA ILE B 156 25.45 6.37 27.42
C ILE B 156 25.66 4.88 27.16
N LYS B 157 24.66 4.08 27.49
CA LYS B 157 24.68 2.64 27.26
C LYS B 157 23.24 2.16 27.18
N PHE B 158 22.90 1.46 26.11
CA PHE B 158 21.53 1.00 25.88
C PHE B 158 21.50 -0.50 25.71
N GLU B 159 20.58 -1.14 26.44
CA GLU B 159 20.24 -2.53 26.24
C GLU B 159 19.25 -2.66 25.09
N GLU B 160 18.70 -3.86 24.92
CA GLU B 160 17.54 -4.00 24.07
C GLU B 160 16.30 -3.54 24.81
N SER B 161 15.19 -3.45 24.06
CA SER B 161 13.88 -2.94 24.47
C SER B 161 13.92 -1.45 24.85
N ASN B 162 15.02 -0.76 24.53
CA ASN B 162 15.03 0.68 24.62
C ASN B 162 15.12 1.30 23.24
N ILE B 163 15.88 0.69 22.36
CA ILE B 163 16.06 1.15 21.00
C ILE B 163 14.78 0.85 20.22
N THR B 164 14.55 1.63 19.17
CA THR B 164 13.32 1.53 18.40
C THR B 164 13.59 2.05 16.99
N LEU B 165 13.21 1.25 15.99
CA LEU B 165 13.51 1.55 14.59
C LEU B 165 12.23 1.88 13.84
N PHE B 166 12.20 3.04 13.18
CA PHE B 166 11.16 3.35 12.23
C PHE B 166 11.83 3.94 10.99
N PRO B 167 11.27 3.72 9.80
CA PRO B 167 11.91 4.21 8.57
C PRO B 167 11.87 5.72 8.45
N GLN B 168 12.63 6.21 7.47
CA GLN B 168 12.83 7.65 7.34
C GLN B 168 11.64 8.27 6.62
N GLY B 169 11.05 9.30 7.22
CA GLY B 169 9.83 9.86 6.70
C GLY B 169 8.58 9.09 7.02
N ALA B 170 8.68 8.00 7.78
CA ALA B 170 7.51 7.19 8.07
C ALA B 170 6.60 7.90 9.05
N GLY B 171 7.08 8.14 10.27
CA GLY B 171 6.25 8.74 11.30
C GLY B 171 5.99 10.22 11.11
N ALA B 172 6.63 10.87 10.13
CA ALA B 172 6.43 12.29 9.92
C ALA B 172 5.01 12.60 9.48
N ILE B 173 4.41 11.72 8.69
CA ILE B 173 3.02 11.86 8.31
C ILE B 173 2.16 10.71 8.80
N PHE B 174 2.76 9.67 9.38
CA PHE B 174 1.95 8.67 10.08
C PHE B 174 1.40 9.26 11.37
N SER B 175 2.29 9.77 12.22
CA SER B 175 1.97 10.68 13.29
C SER B 175 2.27 12.09 12.79
N LYS B 176 2.16 13.08 13.68
CA LYS B 176 2.48 14.51 13.52
C LYS B 176 1.45 15.22 12.62
N ILE B 177 0.61 14.46 11.95
CA ILE B 177 -0.51 15.02 11.21
C ILE B 177 -1.77 14.21 11.47
N ASN B 178 -1.63 13.07 12.17
CA ASN B 178 -2.73 12.14 12.42
C ASN B 178 -3.86 12.78 13.20
N ASN B 179 -3.54 13.77 14.04
CA ASN B 179 -4.58 14.53 14.72
C ASN B 179 -5.16 15.62 13.81
N ASP B 180 -4.38 16.07 12.83
CA ASP B 180 -4.74 17.22 12.01
C ASP B 180 -5.31 16.84 10.65
N ILE B 181 -4.90 15.72 10.05
CA ILE B 181 -5.31 15.37 8.70
C ILE B 181 -6.65 14.61 8.69
N SER B 182 -7.33 14.54 9.84
CA SER B 182 -8.63 13.89 9.92
C SER B 182 -9.67 14.60 9.06
N SER B 183 -9.55 15.92 8.93
CA SER B 183 -10.44 16.65 8.04
C SER B 183 -10.02 16.51 6.59
N LEU B 184 -8.77 16.09 6.35
CA LEU B 184 -8.24 16.15 4.99
C LEU B 184 -8.23 14.77 4.33
N LEU B 185 -7.96 13.70 5.08
CA LEU B 185 -8.10 12.37 4.53
C LEU B 185 -9.58 12.04 4.38
N ILE B 186 -9.95 11.45 3.23
CA ILE B 186 -11.35 11.12 3.09
C ILE B 186 -11.53 9.61 2.99
N LYS B 187 -11.18 9.06 1.83
CA LYS B 187 -11.33 7.63 1.53
C LYS B 187 -10.71 7.33 0.17
N GLU B 188 -9.92 6.25 0.09
CA GLU B 188 -9.22 5.82 -1.12
C GLU B 188 -8.39 6.96 -1.72
N THR B 189 -7.74 7.72 -0.85
CA THR B 189 -6.90 8.83 -1.24
C THR B 189 -5.44 8.49 -0.99
N PHE B 190 -4.56 9.36 -1.46
CA PHE B 190 -3.14 9.19 -1.25
C PHE B 190 -2.56 10.48 -0.70
N ILE B 191 -1.75 10.34 0.35
CA ILE B 191 -0.93 11.44 0.86
C ILE B 191 0.51 11.13 0.50
N GLY B 192 1.28 12.18 0.27
CA GLY B 192 2.64 11.98 -0.20
C GLY B 192 3.65 12.84 0.51
N LEU B 193 4.74 12.23 0.96
CA LEU B 193 5.83 12.94 1.60
C LEU B 193 7.08 12.79 0.76
N ILE B 194 7.72 13.92 0.44
CA ILE B 194 8.93 13.93 -0.37
C ILE B 194 10.01 14.59 0.48
N ASP B 195 10.91 13.79 1.04
CA ASP B 195 11.99 14.28 1.87
C ASP B 195 13.21 14.51 1.00
N VAL B 196 13.53 15.77 0.74
CA VAL B 196 14.71 16.11 -0.06
C VAL B 196 15.89 16.12 0.91
N GLY B 197 16.52 14.95 1.05
CA GLY B 197 17.66 14.81 1.92
C GLY B 197 18.94 15.25 1.25
N PHE B 198 20.04 15.03 1.95
CA PHE B 198 21.33 15.40 1.40
C PHE B 198 21.78 14.44 0.32
N LYS B 199 21.96 13.17 0.67
CA LYS B 199 22.37 12.18 -0.33
C LYS B 199 21.17 11.59 -1.04
N THR B 200 20.17 11.13 -0.28
CA THR B 200 19.08 10.34 -0.82
C THR B 200 17.76 11.06 -0.60
N THR B 201 16.95 11.09 -1.64
CA THR B 201 15.63 11.69 -1.62
C THR B 201 14.61 10.60 -1.29
N ASP B 202 13.79 10.83 -0.27
CA ASP B 202 12.76 9.88 0.11
C ASP B 202 11.44 10.24 -0.56
N ILE B 203 10.78 9.25 -1.15
CA ILE B 203 9.42 9.38 -1.62
C ILE B 203 8.60 8.31 -0.93
N VAL B 204 7.70 8.72 -0.05
CA VAL B 204 6.89 7.78 0.73
C VAL B 204 5.43 8.21 0.64
N VAL B 205 4.54 7.24 0.44
CA VAL B 205 3.12 7.50 0.29
C VAL B 205 2.34 6.68 1.30
N PHE B 206 1.06 7.00 1.43
CA PHE B 206 0.14 6.21 2.23
C PHE B 206 -1.22 6.21 1.57
N ARG B 207 -1.90 5.08 1.67
CA ARG B 207 -3.28 4.94 1.22
C ARG B 207 -4.21 5.06 2.42
N ILE B 208 -5.26 5.85 2.26
CA ILE B 208 -6.35 5.92 3.23
C ILE B 208 -7.36 4.85 2.84
N ASN B 209 -7.65 3.94 3.77
CA ASN B 209 -8.54 2.82 3.47
C ASN B 209 -10.00 3.24 3.57
N LYS B 210 -10.88 2.24 3.58
CA LYS B 210 -12.29 2.49 3.80
C LYS B 210 -12.56 2.89 5.24
N ASP B 211 -11.74 2.39 6.16
CA ASP B 211 -11.87 2.69 7.59
C ASP B 211 -11.16 3.96 8.01
N LYS B 212 -10.75 4.79 7.03
CA LYS B 212 -10.11 6.10 7.25
C LYS B 212 -8.83 5.97 8.08
N GLU B 213 -8.07 4.92 7.81
CA GLU B 213 -6.79 4.65 8.42
C GLU B 213 -5.70 4.63 7.35
N PRO B 214 -4.51 5.11 7.65
CA PRO B 214 -3.43 5.05 6.67
C PRO B 214 -2.87 3.65 6.52
N VAL B 215 -2.43 3.34 5.32
CA VAL B 215 -1.77 2.06 5.04
C VAL B 215 -0.75 2.30 3.94
N PHE B 216 0.31 1.50 3.95
CA PHE B 216 1.54 1.80 3.23
C PHE B 216 1.55 1.11 1.87
N GLU B 217 2.12 1.79 0.88
CA GLU B 217 2.18 1.31 -0.50
C GLU B 217 3.64 1.20 -0.92
N GLN B 218 4.25 0.04 -0.68
CA GLN B 218 5.67 -0.12 -0.97
C GLN B 218 5.97 -0.20 -2.45
N GLU B 219 4.98 -0.35 -3.31
CA GLU B 219 5.20 -0.28 -4.74
C GLU B 219 4.85 1.08 -5.31
N MET B 220 4.43 2.01 -4.47
CA MET B 220 4.22 3.39 -4.86
C MET B 220 5.18 4.34 -4.15
N SER B 221 6.25 3.81 -3.55
CA SER B 221 7.11 4.60 -2.69
C SER B 221 8.50 3.98 -2.64
N ALA B 222 9.52 4.82 -2.82
CA ALA B 222 10.90 4.34 -2.80
C ALA B 222 11.82 5.49 -2.42
N THR B 223 13.05 5.13 -2.10
CA THR B 223 14.10 6.10 -1.77
C THR B 223 14.99 6.30 -2.99
N LEU B 224 15.08 7.54 -3.46
CA LEU B 224 15.92 7.86 -4.61
C LEU B 224 17.37 7.91 -4.14
N ASP B 225 18.11 6.82 -4.37
CA ASP B 225 19.53 6.84 -4.06
C ASP B 225 20.28 7.61 -5.14
N GLY B 226 21.22 8.45 -4.72
CA GLY B 226 21.99 9.23 -5.64
C GLY B 226 21.34 10.50 -6.13
N LEU B 227 20.11 10.78 -5.71
CA LEU B 227 19.42 12.02 -6.06
C LEU B 227 19.13 12.78 -4.79
N GLY B 228 19.58 14.02 -4.72
CA GLY B 228 19.42 14.81 -3.53
C GLY B 228 20.26 16.06 -3.58
N MET B 229 20.46 16.66 -2.40
CA MET B 229 21.13 17.96 -2.33
C MET B 229 22.61 17.85 -2.68
N ILE B 230 23.20 16.67 -2.52
CA ILE B 230 24.62 16.46 -2.79
C ILE B 230 24.94 16.63 -4.27
N ASN B 231 23.96 16.45 -5.16
CA ASN B 231 24.20 16.68 -6.58
C ASN B 231 24.37 18.16 -6.91
N ILE B 232 23.85 19.05 -6.06
CA ILE B 232 24.10 20.47 -6.26
C ILE B 232 25.53 20.81 -5.86
N TYR B 233 25.95 20.35 -4.66
CA TYR B 233 27.28 20.65 -4.16
C TYR B 233 28.35 20.01 -5.02
N ASN B 234 28.06 18.85 -5.60
CA ASN B 234 29.03 18.23 -6.49
C ASN B 234 29.12 18.96 -7.82
N THR B 235 28.00 19.54 -8.28
CA THR B 235 28.02 20.22 -9.57
C THR B 235 28.65 21.59 -9.46
N MET B 236 28.24 22.37 -8.44
CA MET B 236 28.75 23.72 -8.28
C MET B 236 30.22 23.74 -7.88
N ASP B 237 30.73 22.64 -7.35
CA ASP B 237 32.18 22.49 -7.16
C ASP B 237 32.89 22.45 -8.51
N LYS B 238 32.33 21.70 -9.47
CA LYS B 238 32.88 21.70 -10.82
C LYS B 238 32.64 23.03 -11.51
N ALA B 239 31.54 23.71 -11.17
CA ALA B 239 31.26 25.00 -11.80
C ALA B 239 32.20 26.09 -11.32
N PHE B 240 32.74 25.94 -10.10
CA PHE B 240 33.68 26.94 -9.60
C PHE B 240 35.05 26.80 -10.24
N THR B 241 35.54 25.57 -10.39
CA THR B 241 36.84 25.35 -11.00
C THR B 241 36.84 25.71 -12.47
N ASP B 242 35.72 25.47 -13.15
CA ASP B 242 35.62 25.86 -14.55
C ASP B 242 35.52 27.37 -14.69
N ASN B 243 34.89 28.04 -13.73
CA ASN B 243 34.85 29.50 -13.76
C ASN B 243 36.20 30.08 -13.34
N SER B 244 36.95 29.34 -12.52
CA SER B 244 38.25 29.84 -12.07
C SER B 244 39.29 29.78 -13.19
N ARG B 245 39.34 28.64 -13.90
CA ARG B 245 40.35 28.31 -14.90
C ARG B 245 41.76 28.45 -14.33
N ASP B 246 41.93 27.99 -13.09
CA ASP B 246 43.19 28.03 -12.39
C ASP B 246 43.56 26.69 -11.77
N GLY B 247 42.57 25.83 -11.55
CA GLY B 247 42.77 24.64 -10.76
C GLY B 247 42.51 24.83 -9.29
N SER B 248 42.19 26.05 -8.86
CA SER B 248 41.83 26.28 -7.47
C SER B 248 40.49 25.64 -7.16
N LYS B 249 40.34 25.22 -5.91
CA LYS B 249 39.17 24.48 -5.50
C LYS B 249 38.78 24.90 -4.10
N LEU B 250 37.49 25.09 -3.87
CA LEU B 250 37.00 25.45 -2.55
C LEU B 250 37.17 24.27 -1.59
N ASN B 251 37.31 24.58 -0.31
CA ASN B 251 37.36 23.54 0.69
C ASN B 251 35.94 23.19 1.13
N THR B 252 35.83 22.39 2.19
CA THR B 252 34.52 21.94 2.65
C THR B 252 33.71 23.05 3.29
N GLU B 253 34.35 24.09 3.82
CA GLU B 253 33.60 25.19 4.40
C GLU B 253 33.07 26.13 3.32
N GLN B 254 33.92 26.47 2.36
CA GLN B 254 33.52 27.36 1.27
C GLN B 254 32.47 26.73 0.38
N LEU B 255 32.52 25.40 0.21
CA LEU B 255 31.58 24.74 -0.68
C LEU B 255 30.18 24.71 -0.06
N MET B 256 30.10 24.38 1.23
CA MET B 256 28.81 24.41 1.91
C MET B 256 28.33 25.83 2.14
N LEU B 257 29.24 26.81 2.14
CA LEU B 257 28.84 28.20 2.15
C LEU B 257 28.26 28.63 0.82
N LEU B 258 28.69 27.97 -0.27
CA LEU B 258 28.35 28.43 -1.61
C LEU B 258 26.87 28.29 -1.90
N CYS B 259 26.33 27.08 -1.83
CA CYS B 259 24.99 26.83 -2.31
C CYS B 259 23.93 27.08 -1.24
N GLU B 260 24.24 27.92 -0.25
CA GLU B 260 23.22 28.65 0.48
C GLU B 260 23.04 30.05 -0.09
N GLU B 261 24.07 30.60 -0.73
CA GLU B 261 23.98 31.93 -1.33
C GLU B 261 24.32 31.94 -2.81
N GLY B 262 25.35 31.22 -3.23
CA GLY B 262 25.81 31.27 -4.60
C GLY B 262 26.93 32.24 -4.87
N LYS B 263 27.36 33.02 -3.87
CA LYS B 263 28.36 34.06 -4.06
C LYS B 263 29.46 33.91 -3.02
N ILE B 264 30.48 33.12 -3.35
CA ILE B 264 31.64 32.94 -2.48
C ILE B 264 32.55 34.15 -2.63
N PHE B 265 33.19 34.55 -1.54
CA PHE B 265 34.16 35.65 -1.54
C PHE B 265 35.54 35.07 -1.70
N PHE B 266 36.07 35.11 -2.92
CA PHE B 266 37.26 34.35 -3.28
C PHE B 266 38.34 35.30 -3.80
N LYS B 267 39.44 35.38 -3.06
CA LYS B 267 40.62 36.20 -3.37
C LYS B 267 40.25 37.67 -3.54
N GLY B 268 39.73 38.26 -2.48
CA GLY B 268 39.40 39.66 -2.47
C GLY B 268 38.23 40.05 -3.34
N ASP B 269 37.42 39.10 -3.76
CA ASP B 269 36.41 39.37 -4.77
C ASP B 269 35.34 38.29 -4.70
N TYR B 270 34.12 38.66 -5.09
CA TYR B 270 33.06 37.67 -5.22
C TYR B 270 33.16 36.97 -6.57
N ILE B 271 33.32 35.65 -6.54
CA ILE B 271 33.19 34.84 -7.74
C ILE B 271 31.73 34.42 -7.82
N ASP B 272 31.01 34.98 -8.78
CA ASP B 272 29.57 34.81 -8.85
C ASP B 272 29.22 33.57 -9.67
N LEU B 273 28.37 32.72 -9.10
CA LEU B 273 27.83 31.55 -9.79
C LEU B 273 26.32 31.46 -9.59
N LYS B 274 25.66 32.62 -9.54
CA LYS B 274 24.23 32.66 -9.25
C LYS B 274 23.41 32.06 -10.38
N LYS B 275 23.94 32.11 -11.61
CA LYS B 275 23.23 31.51 -12.74
C LYS B 275 23.24 30.00 -12.65
N ASP B 276 24.39 29.41 -12.32
CA ASP B 276 24.46 27.95 -12.22
C ASP B 276 23.77 27.41 -10.98
N LEU B 277 23.53 28.26 -9.97
CA LEU B 277 22.79 27.79 -8.81
C LEU B 277 21.32 27.57 -9.13
N ILE B 278 20.68 28.57 -9.76
CA ILE B 278 19.28 28.45 -10.16
C ILE B 278 19.12 27.37 -11.22
N LYS B 279 20.12 27.20 -12.09
CA LYS B 279 20.06 26.18 -13.13
C LYS B 279 20.15 24.78 -12.54
N ALA B 280 21.04 24.56 -11.59
CA ALA B 280 21.21 23.21 -11.05
C ALA B 280 20.08 22.83 -10.11
N ARG B 281 19.44 23.81 -9.46
CA ARG B 281 18.31 23.50 -8.59
C ARG B 281 17.09 23.06 -9.38
N LYS B 282 16.89 23.63 -10.57
CA LYS B 282 15.86 23.10 -11.45
C LYS B 282 16.25 21.75 -12.02
N THR B 283 17.55 21.50 -12.16
CA THR B 283 18.00 20.20 -12.65
C THR B 283 17.75 19.11 -11.61
N LEU B 284 17.95 19.44 -10.33
CA LEU B 284 17.58 18.49 -9.29
C LEU B 284 16.06 18.36 -9.19
N SER B 285 15.34 19.47 -9.35
CA SER B 285 13.88 19.42 -9.25
C SER B 285 13.27 18.63 -10.40
N THR B 286 13.90 18.66 -11.57
CA THR B 286 13.43 17.86 -12.70
C THR B 286 13.61 16.37 -12.43
N ASN B 287 14.71 16.00 -11.78
CA ASN B 287 14.97 14.61 -11.44
C ASN B 287 14.28 14.19 -10.15
N ILE B 288 13.37 14.99 -9.62
CA ILE B 288 12.42 14.53 -8.63
C ILE B 288 11.00 14.53 -9.17
N ILE B 289 10.69 15.40 -10.14
CA ILE B 289 9.44 15.30 -10.89
C ILE B 289 9.37 13.97 -11.64
N ASN B 290 10.41 13.67 -12.43
CA ASN B 290 10.35 12.52 -13.33
C ASN B 290 10.52 11.20 -12.59
N LYS B 291 11.11 11.21 -11.40
CA LYS B 291 11.20 9.99 -10.62
C LYS B 291 9.97 9.75 -9.78
N ALA B 292 9.23 10.81 -9.43
CA ALA B 292 7.95 10.61 -8.76
C ALA B 292 6.94 9.97 -9.70
N ASP B 293 6.92 10.42 -10.95
CA ASP B 293 6.02 9.85 -11.95
C ASP B 293 6.46 8.47 -12.43
N GLY B 294 7.69 8.06 -12.11
CA GLY B 294 8.05 6.67 -12.34
C GLY B 294 7.29 5.73 -11.42
N LEU B 295 7.09 6.14 -10.17
CA LEU B 295 6.28 5.37 -9.23
C LEU B 295 4.81 5.70 -9.32
N TRP B 296 4.46 6.84 -9.91
CA TRP B 296 3.08 7.33 -9.92
C TRP B 296 2.63 7.44 -11.36
N GLY B 297 1.72 6.57 -11.78
CA GLY B 297 1.23 6.63 -13.14
C GLY B 297 0.07 7.60 -13.20
N SER B 298 -1.13 7.09 -13.49
CA SER B 298 -2.31 7.94 -13.35
C SER B 298 -2.80 7.98 -11.91
N ARG B 299 -2.08 7.32 -11.00
CA ARG B 299 -2.36 7.42 -9.57
C ARG B 299 -2.11 8.82 -9.03
N LYS B 300 -1.34 9.64 -9.75
CA LYS B 300 -1.01 11.00 -9.35
C LYS B 300 -2.25 11.85 -9.16
N ASN B 301 -3.31 11.56 -9.92
CA ASN B 301 -4.54 12.33 -9.81
C ASN B 301 -5.25 12.10 -8.48
N SER B 302 -5.03 10.97 -7.84
CA SER B 302 -5.78 10.58 -6.65
C SER B 302 -5.18 11.13 -5.36
N PHE B 303 -4.17 11.98 -5.44
CA PHE B 303 -3.63 12.59 -4.23
C PHE B 303 -4.57 13.66 -3.69
N ASN B 304 -4.34 14.04 -2.44
CA ASN B 304 -5.01 15.19 -1.86
C ASN B 304 -4.07 16.22 -1.23
N SER B 305 -2.88 15.79 -0.80
CA SER B 305 -1.89 16.71 -0.23
C SER B 305 -0.53 16.08 -0.34
N ILE B 306 0.32 16.60 -1.21
CA ILE B 306 1.72 16.21 -1.25
C ILE B 306 2.49 17.11 -0.29
N MET B 307 2.97 16.54 0.80
CA MET B 307 3.83 17.26 1.70
C MET B 307 5.27 17.06 1.26
N ILE B 308 6.11 18.07 1.50
CA ILE B 308 7.54 17.91 1.30
C ILE B 308 8.26 18.29 2.58
N ALA B 309 9.42 17.70 2.79
CA ALA B 309 10.18 17.88 4.01
C ALA B 309 11.66 17.71 3.71
N GLY B 310 12.46 17.71 4.76
CA GLY B 310 13.90 17.75 4.61
C GLY B 310 14.40 19.18 4.51
N GLY B 311 15.72 19.31 4.67
CA GLY B 311 16.35 20.61 4.47
C GLY B 311 16.26 21.10 3.05
N GLY B 312 16.40 20.19 2.08
CA GLY B 312 16.38 20.57 0.69
C GLY B 312 15.00 21.00 0.21
N GLY B 313 13.95 20.54 0.88
CA GLY B 313 12.61 20.93 0.50
C GLY B 313 12.33 22.39 0.77
N LYS B 314 12.98 22.95 1.79
CA LYS B 314 12.82 24.37 2.10
C LYS B 314 13.39 25.25 0.99
N VAL B 315 14.53 24.85 0.42
CA VAL B 315 15.17 25.65 -0.61
C VAL B 315 14.71 25.27 -2.01
N LEU B 316 13.85 24.27 -2.14
CA LEU B 316 13.35 23.88 -3.45
C LEU B 316 11.84 23.96 -3.57
N TYR B 317 11.15 24.51 -2.55
CA TYR B 317 9.70 24.45 -2.45
C TYR B 317 9.00 25.10 -3.64
N ASN B 318 9.60 26.16 -4.19
CA ASN B 318 9.01 26.80 -5.36
C ASN B 318 9.23 25.98 -6.62
N HIS B 319 10.43 25.44 -6.79
CA HIS B 319 10.72 24.65 -7.98
C HIS B 319 10.05 23.28 -7.91
N LEU B 320 10.01 22.68 -6.72
CA LEU B 320 9.41 21.36 -6.54
C LEU B 320 7.88 21.44 -6.45
N LYS B 321 7.33 22.65 -6.49
CA LYS B 321 5.88 22.84 -6.43
C LYS B 321 5.19 22.26 -7.66
N LEU B 322 5.87 22.22 -8.80
CA LEU B 322 5.26 21.87 -10.07
C LEU B 322 5.03 20.37 -10.26
N ILE B 323 5.26 19.55 -9.23
CA ILE B 323 4.77 18.18 -9.27
C ILE B 323 3.25 18.19 -9.23
N GLU B 324 2.68 18.89 -8.25
CA GLU B 324 1.24 19.09 -8.23
C GLU B 324 0.95 20.48 -7.69
N PRO B 325 0.84 21.49 -8.58
CA PRO B 325 0.69 22.88 -8.13
C PRO B 325 -0.61 23.14 -7.39
N ASN B 326 -0.50 23.89 -6.28
CA ASN B 326 -1.58 24.39 -5.41
C ASN B 326 -2.25 23.30 -4.59
N MET B 327 -1.89 22.03 -4.84
CA MET B 327 -2.21 20.98 -3.89
C MET B 327 -1.09 20.80 -2.88
N CYS B 328 0.16 20.83 -3.36
CA CYS B 328 1.29 20.51 -2.51
C CYS B 328 1.61 21.66 -1.57
N GLN B 329 2.06 21.31 -0.38
CA GLN B 329 2.36 22.26 0.67
C GLN B 329 3.72 21.94 1.26
N LEU B 330 4.09 22.69 2.29
CA LEU B 330 5.32 22.50 3.03
C LEU B 330 4.99 22.10 4.45
N ILE B 331 5.76 21.14 4.99
CA ILE B 331 5.59 20.77 6.38
C ILE B 331 6.10 21.90 7.26
N ASP B 332 5.70 21.87 8.54
CA ASP B 332 5.89 23.02 9.43
C ASP B 332 7.36 23.25 9.75
N ASN B 333 8.06 22.22 10.22
CA ASN B 333 9.49 22.32 10.48
C ASN B 333 10.21 21.37 9.54
N PRO B 334 10.79 21.89 8.44
CA PRO B 334 11.25 21.01 7.35
C PRO B 334 12.39 20.10 7.74
N GLU B 335 13.30 20.56 8.60
CA GLU B 335 14.34 19.68 9.11
C GLU B 335 13.75 18.64 10.05
N PHE B 336 12.97 19.08 11.04
CA PHE B 336 12.58 18.24 12.15
C PHE B 336 11.34 17.38 11.86
N ALA B 337 11.03 17.14 10.58
CA ALA B 337 9.92 16.25 10.25
C ALA B 337 10.22 14.82 10.66
N ASN B 338 11.43 14.35 10.39
CA ASN B 338 11.82 13.01 10.85
C ASN B 338 11.99 12.98 12.36
N ALA B 339 12.38 14.10 12.96
CA ALA B 339 12.61 14.14 14.40
C ALA B 339 11.32 14.05 15.18
N ILE B 340 10.38 14.96 14.90
CA ILE B 340 9.09 14.98 15.59
C ILE B 340 8.28 13.74 15.25
N GLY B 341 8.41 13.25 14.02
CA GLY B 341 7.75 12.01 13.64
C GLY B 341 8.27 10.80 14.38
N TYR B 342 9.57 10.78 14.67
CA TYR B 342 10.09 9.73 15.53
C TYR B 342 9.71 9.94 16.99
N LEU B 343 9.40 11.17 17.38
CA LEU B 343 9.07 11.46 18.76
C LEU B 343 7.67 10.96 19.10
N GLU B 344 6.67 11.45 18.38
CA GLU B 344 5.28 11.15 18.71
C GLU B 344 4.94 9.69 18.41
N PHE B 345 5.37 9.20 17.25
CA PHE B 345 5.15 7.80 16.92
C PHE B 345 6.07 6.87 17.70
N GLY B 346 7.12 7.42 18.31
CA GLY B 346 7.86 6.70 19.32
C GLY B 346 7.23 6.75 20.70
N LYS B 347 6.29 7.67 20.93
CA LYS B 347 5.54 7.71 22.18
C LYS B 347 4.36 6.76 22.18
N GLN B 348 4.20 5.95 21.13
CA GLN B 348 3.20 4.88 21.15
C GLN B 348 3.56 3.80 22.15
N PHE B 349 4.86 3.67 22.46
CA PHE B 349 5.33 2.59 23.30
C PHE B 349 6.02 3.11 24.56
PB ADP C . -20.31 -13.01 -11.00
O1B ADP C . -20.67 -12.76 -12.46
O2B ADP C . -20.67 -14.41 -10.53
O3B ADP C . -18.94 -12.45 -10.66
PA ADP C . -21.25 -11.46 -8.75
O1A ADP C . -22.50 -11.78 -7.96
O2A ADP C . -19.90 -11.77 -8.18
O3A ADP C . -21.42 -12.14 -10.20
O5' ADP C . -21.30 -9.90 -9.16
C5' ADP C . -20.48 -8.93 -8.51
C4' ADP C . -20.66 -7.56 -9.18
O4' ADP C . -21.67 -6.87 -8.48
C3' ADP C . -19.41 -6.69 -9.11
O3' ADP C . -18.72 -6.63 -10.36
C2' ADP C . -19.87 -5.30 -8.70
O2' ADP C . -19.87 -4.34 -9.76
C1' ADP C . -21.30 -5.49 -8.26
N9 ADP C . -21.38 -5.16 -6.81
C8 ADP C . -21.34 -6.01 -5.77
N7 ADP C . -21.45 -5.33 -4.60
C5 ADP C . -21.57 -4.04 -4.90
C6 ADP C . -21.73 -2.77 -4.16
N6 ADP C . -21.78 -2.77 -2.80
N1 ADP C . -21.81 -1.63 -4.87
C2 ADP C . -21.76 -1.62 -6.22
N3 ADP C . -21.63 -2.72 -6.97
C4 ADP C . -21.52 -3.93 -6.37
MG MG D . -22.71 -15.34 -10.87
PB ADP E . 19.38 14.37 5.83
O1B ADP E . 18.41 13.68 6.79
O2B ADP E . 20.66 14.95 6.40
O3B ADP E . 19.62 13.59 4.57
PA ADP E . 18.39 17.10 5.98
O1A ADP E . 16.93 17.46 6.10
O2A ADP E . 19.27 17.19 7.18
O3A ADP E . 18.45 15.61 5.34
O5' ADP E . 19.03 17.96 4.78
C5' ADP E . 19.89 19.07 5.04
C4' ADP E . 20.45 19.61 3.72
O4' ADP E . 19.58 20.67 3.29
C3' ADP E . 21.83 20.24 3.85
O3' ADP E . 22.85 19.39 3.32
C2' ADP E . 21.78 21.56 3.10
O2' ADP E . 22.47 21.54 1.85
C1' ADP E . 20.32 21.79 2.82
N9 ADP E . 19.90 23.02 3.55
C8 ADP E . 19.31 23.10 4.75
N7 ADP E . 19.08 24.40 5.07
C5 ADP E . 19.53 25.15 4.06
C6 ADP E . 19.61 26.58 3.75
N6 ADP E . 19.13 27.51 4.62
N1 ADP E . 20.17 26.94 2.57
C2 ADP E . 20.65 26.04 1.70
N3 ADP E . 20.62 24.72 1.91
C4 ADP E . 20.09 24.24 3.06
MG MG F . 16.40 12.88 6.13
#